data_6RRU
#
_entry.id   6RRU
#
_cell.length_a   88.959
_cell.length_b   91.908
_cell.length_c   131.835
_cell.angle_alpha   90.000
_cell.angle_beta   90.000
_cell.angle_gamma   90.000
#
_symmetry.space_group_name_H-M   'P 21 21 21'
#
loop_
_entity.id
_entity.type
_entity.pdbx_description
1 polymer 'Alpha-mannosidase 2'
2 non-polymer (5~{R},6~{R},7~{S},8~{S})-5-(hydroxymethyl)-2-(3-phenylpropyl)-5,6,7,8-tetrahydroimidazo[1,2-a]pyridine-6,7,8-triol
3 non-polymer 'ZINC ION'
4 water water
#
_entity_poly.entity_id   1
_entity_poly.type   'polypeptide(L)'
_entity_poly.pdbx_seq_one_letter_code
;DDPIRPPLKVARSPRPGQCQDVVQDVPNVDVQMLELYDRMSFKDIDGGVWKQGWNIKYDPLKYNAHHKLKVFVVPHSHND
PGWIQTFEEYYQHDTKHILSNALRHLHDNPEMKFIWAEISYFARFYHDLGENKKLQMKSIVKNGQLEFVTGGWVMPDEAN
SHWRNVLLQLTEGQTWLKQFMNVTPTASWAIDPFGHSPTMPYILQKSGFKNMLIQRTHYSVKKELAQQRQLEFLWRQIWD
NKGDTALFTHMMPFYSYDIPHTCGPDPKVCCQFDFKRMGSFGLSCPWKVPPRTISDQNVAARSDLLVDQWKKKAELYRTN
VLLIPLGDDFRFKQNTEWDVQRVNYERLFEHINSQAHFNVQAQFGTLQEYFDAVHQAERAGQAEFPTLSGDFFTYADRSD
NYWSGYYTSRPYHKRMDRVLMHYVRAAEMLSAWHSWDGMARIEERLEQARRELSLFQHHDGITGTAKTHVVVDYEQRMQE
ALKACQMVMQQSVYRLLTKPSIYSPDFSFSYFTLDDSRWPGSGVEDSRTTIILGEDILPSKHVVMHNTLPHWREQLVDFY
VSSPFVSVTDLANNPVEAQVSPVWSWHHDTLTKTIHPQGSTTKYRIIFKARVPPMGLATYVLTISDSKPEHTSYASNLLL
RKNPTSLPLGQYPEDVKFGDPREISLRVGNGPTLAFSEQGLLKSIQLTQDSPHVPVHFKFLKYGVRSHGDRSGAYLFLPN
GPASPVELGQPVVLVTKGKLESSVSVGLPSVVHQTIMRGGAPEIRNLVDIGSLDNTEIVMRLETHIDSGDIFYTDLNGLQ
FIKRRRLDKLPLQANYYPIPSGMFIEDANTRLTLLTGQPLGGSSLASGELEIMQDRRLASDDERGLGQGVLDNKPVLHIY
RLVLEKVNNCVRPSELHPAGYLTSAAHKASQSLLDPLDKFIFAENEWIGAQGQFGGDHPSAREDLDVSVMRRLTKSSAKT
QRVGYVLHRTNLMQCGTPEEHTQKLDVCHLLPNVARCERTTLTFLQNLEHLDGMVAPEVCPMETAAYVSSHSS
;
_entity_poly.pdbx_strand_id   A
#
# COMPACT_ATOMS: atom_id res chain seq x y z
N CYS A 19 -6.65 -6.60 26.97
CA CYS A 19 -6.87 -5.81 25.72
C CYS A 19 -7.60 -4.49 26.00
N GLN A 20 -7.12 -3.38 25.43
CA GLN A 20 -7.85 -2.09 25.40
C GLN A 20 -9.18 -2.26 24.65
N ASP A 21 -10.23 -1.54 25.08
CA ASP A 21 -11.42 -1.25 24.25
C ASP A 21 -11.03 -0.14 23.28
N VAL A 22 -11.44 -0.26 22.02
CA VAL A 22 -11.01 0.66 20.92
C VAL A 22 -12.25 1.34 20.33
N VAL A 23 -13.41 1.19 20.97
CA VAL A 23 -14.71 1.70 20.45
C VAL A 23 -15.30 2.72 21.43
N GLN A 24 -15.29 2.42 22.73
CA GLN A 24 -16.01 3.19 23.79
C GLN A 24 -15.08 4.28 24.34
N ASP A 25 -13.84 3.94 24.72
CA ASP A 25 -12.80 4.91 25.17
C ASP A 25 -12.32 5.74 23.97
N VAL A 26 -12.28 7.07 24.11
CA VAL A 26 -11.62 8.02 23.16
C VAL A 26 -10.27 8.43 23.75
N PRO A 27 -9.12 8.23 23.04
CA PRO A 27 -7.82 8.66 23.55
C PRO A 27 -7.72 10.16 23.85
N ASN A 28 -7.00 10.52 24.91
CA ASN A 28 -6.72 11.94 25.30
C ASN A 28 -5.36 12.30 24.72
N VAL A 29 -5.33 13.05 23.63
CA VAL A 29 -4.03 13.49 23.03
C VAL A 29 -4.01 15.02 22.98
N ASP A 30 -2.80 15.56 23.01
CA ASP A 30 -2.54 17.02 22.94
C ASP A 30 -2.98 17.52 21.57
N VAL A 31 -2.61 16.81 20.51
CA VAL A 31 -2.94 17.17 19.10
C VAL A 31 -3.67 16.00 18.46
N GLN A 32 -4.92 16.23 18.04
CA GLN A 32 -5.76 15.26 17.31
C GLN A 32 -6.00 15.90 15.94
N MET A 33 -5.45 15.32 14.86
CA MET A 33 -5.33 16.04 13.58
C MET A 33 -6.71 16.38 12.99
N LEU A 34 -7.76 15.57 13.16
CA LEU A 34 -9.10 15.98 12.60
C LEU A 34 -9.61 17.24 13.34
N GLU A 35 -9.46 17.23 14.66
CA GLU A 35 -9.81 18.30 15.62
C GLU A 35 -9.04 19.58 15.26
N LEU A 36 -7.70 19.49 15.13
CA LEU A 36 -6.83 20.60 14.66
C LEU A 36 -7.32 21.10 13.31
N TYR A 37 -7.67 20.20 12.39
CA TYR A 37 -8.12 20.61 11.03
C TYR A 37 -9.37 21.48 11.18
N ASP A 38 -10.24 21.18 12.13
CA ASP A 38 -11.53 21.93 12.25
C ASP A 38 -11.20 23.37 12.68
N ARG A 39 -10.23 23.51 13.59
CA ARG A 39 -9.82 24.82 14.17
C ARG A 39 -8.96 25.67 13.25
N MET A 40 -8.16 25.06 12.36
CA MET A 40 -7.19 25.80 11.54
C MET A 40 -7.89 26.61 10.45
N SER A 41 -7.33 27.79 10.16
CA SER A 41 -7.83 28.77 9.17
C SER A 41 -7.23 28.44 7.82
N PHE A 42 -6.03 27.87 7.80
CA PHE A 42 -5.33 27.52 6.54
C PHE A 42 -4.99 28.77 5.73
N LYS A 43 -4.92 29.94 6.37
CA LYS A 43 -4.56 31.20 5.68
C LYS A 43 -3.16 31.06 5.09
N ASP A 44 -3.00 31.45 3.83
CA ASP A 44 -1.75 31.33 3.06
C ASP A 44 -1.05 32.71 2.98
N ILE A 45 -0.63 33.20 4.15
CA ILE A 45 -0.01 34.53 4.43
C ILE A 45 1.47 34.47 4.04
N ASP A 46 1.97 35.49 3.38
CA ASP A 46 3.42 35.70 3.15
C ASP A 46 4.04 35.96 4.54
N GLY A 47 4.90 35.06 5.02
CA GLY A 47 5.50 35.16 6.37
C GLY A 47 6.84 35.85 6.33
N GLY A 48 7.28 36.28 5.15
CA GLY A 48 8.61 36.88 4.92
C GLY A 48 9.60 35.85 4.40
N VAL A 49 10.85 35.87 4.89
CA VAL A 49 11.94 35.04 4.31
C VAL A 49 11.53 33.56 4.44
N TRP A 50 10.88 33.20 5.55
CA TRP A 50 10.14 31.93 5.77
C TRP A 50 8.72 32.15 5.26
N LYS A 51 8.54 31.90 3.96
CA LYS A 51 7.35 32.33 3.18
C LYS A 51 6.07 31.83 3.86
N GLN A 52 6.09 30.65 4.50
CA GLN A 52 4.86 29.99 4.99
C GLN A 52 4.88 29.92 6.51
N GLY A 53 5.76 30.66 7.18
CA GLY A 53 5.73 30.82 8.64
C GLY A 53 5.71 32.29 9.05
N TRP A 54 6.73 32.73 9.78
CA TRP A 54 6.83 34.06 10.42
C TRP A 54 8.30 34.35 10.70
N ASN A 55 8.61 35.61 11.01
CA ASN A 55 9.99 36.05 11.34
C ASN A 55 10.28 35.54 12.74
N ILE A 56 11.10 34.49 12.85
CA ILE A 56 11.40 33.85 14.16
C ILE A 56 12.26 34.80 14.99
N LYS A 57 11.92 34.91 16.28
CA LYS A 57 12.67 35.71 17.26
C LYS A 57 13.16 34.75 18.32
N TYR A 58 14.42 34.92 18.72
CA TYR A 58 14.96 34.30 19.94
C TYR A 58 15.62 35.38 20.82
N ASP A 59 15.46 35.18 22.13
CA ASP A 59 16.22 35.84 23.22
C ASP A 59 17.64 35.29 23.23
N PRO A 60 18.65 36.06 22.79
CA PRO A 60 20.03 35.58 22.76
C PRO A 60 20.65 35.16 24.11
N LEU A 61 20.13 35.63 25.25
CA LEU A 61 20.61 35.26 26.64
C LEU A 61 19.98 33.93 27.09
N LYS A 62 19.22 33.29 26.21
CA LYS A 62 18.77 31.89 26.30
C LYS A 62 20.00 30.98 26.41
N TYR A 63 21.07 31.32 25.69
CA TYR A 63 22.30 30.50 25.56
C TYR A 63 23.42 31.12 26.40
N ASN A 64 24.13 30.26 27.14
CA ASN A 64 25.30 30.61 27.98
C ASN A 64 26.13 29.33 28.09
N ALA A 65 27.26 29.35 28.82
CA ALA A 65 28.19 28.20 28.89
C ALA A 65 27.52 26.96 29.50
N HIS A 66 26.42 27.15 30.25
CA HIS A 66 25.65 26.09 30.97
C HIS A 66 24.43 25.65 30.16
N HIS A 67 24.10 26.34 29.07
CA HIS A 67 22.92 26.05 28.23
C HIS A 67 23.30 26.32 26.78
N LYS A 68 24.25 25.55 26.25
CA LYS A 68 24.78 25.72 24.88
C LYS A 68 23.78 25.08 23.91
N LEU A 69 23.79 25.51 22.65
CA LEU A 69 23.06 24.82 21.57
C LEU A 69 23.97 23.72 21.05
N LYS A 70 23.45 22.50 20.94
CA LYS A 70 24.18 21.32 20.40
C LYS A 70 23.63 21.06 19.00
N VAL A 71 24.47 21.20 17.98
CA VAL A 71 24.05 21.12 16.55
C VAL A 71 24.68 19.88 15.93
N PHE A 72 23.83 18.97 15.44
CA PHE A 72 24.21 17.82 14.61
C PHE A 72 23.92 18.11 13.16
N VAL A 73 24.99 18.23 12.38
CA VAL A 73 24.90 18.45 10.91
C VAL A 73 24.96 17.05 10.31
N VAL A 74 23.90 16.62 9.63
CA VAL A 74 23.72 15.19 9.23
C VAL A 74 23.71 15.11 7.72
N PRO A 75 24.87 14.75 7.11
CA PRO A 75 25.00 14.56 5.68
C PRO A 75 24.17 13.38 5.17
N HIS A 76 23.56 13.56 4.01
CA HIS A 76 22.63 12.57 3.42
C HIS A 76 22.57 12.80 1.92
N SER A 77 21.97 11.85 1.24
CA SER A 77 21.84 11.82 -0.23
C SER A 77 20.53 11.11 -0.52
N HIS A 78 19.56 11.83 -1.05
CA HIS A 78 18.25 11.23 -1.39
C HIS A 78 18.38 10.50 -2.71
N ASN A 79 18.28 9.18 -2.67
CA ASN A 79 18.41 8.28 -3.83
C ASN A 79 17.05 7.67 -4.14
N ASP A 80 16.42 8.11 -5.22
CA ASP A 80 15.13 7.51 -5.69
C ASP A 80 15.41 6.18 -6.40
N PRO A 81 14.86 5.05 -5.91
CA PRO A 81 15.01 3.75 -6.57
C PRO A 81 14.10 3.66 -7.81
N GLY A 82 14.39 4.51 -8.79
CA GLY A 82 13.51 4.73 -9.95
C GLY A 82 12.73 6.02 -9.78
N TRP A 83 12.77 6.89 -10.79
CA TRP A 83 11.92 8.09 -10.92
C TRP A 83 12.04 8.65 -12.36
N ILE A 84 13.01 9.54 -12.62
CA ILE A 84 13.38 10.09 -13.97
C ILE A 84 14.19 9.04 -14.72
N GLN A 85 14.98 8.24 -13.99
CA GLN A 85 15.72 7.09 -14.55
C GLN A 85 15.25 5.81 -13.84
N THR A 86 15.57 4.64 -14.41
CA THR A 86 15.29 3.32 -13.81
C THR A 86 16.23 3.12 -12.63
N PHE A 87 15.90 2.18 -11.75
CA PHE A 87 16.79 1.76 -10.66
C PHE A 87 18.22 1.52 -11.22
N GLU A 88 18.36 0.71 -12.27
CA GLU A 88 19.72 0.33 -12.78
C GLU A 88 20.40 1.55 -13.40
N GLU A 89 19.68 2.36 -14.17
CA GLU A 89 20.21 3.62 -14.73
C GLU A 89 20.78 4.51 -13.61
N TYR A 90 19.96 4.89 -12.63
CA TYR A 90 20.44 5.67 -11.45
C TYR A 90 21.67 5.01 -10.81
N TYR A 91 21.69 3.68 -10.66
CA TYR A 91 22.79 2.95 -9.97
C TYR A 91 24.10 3.22 -10.72
N GLN A 92 24.07 3.03 -12.04
CA GLN A 92 25.28 3.13 -12.90
C GLN A 92 25.67 4.59 -13.04
N HIS A 93 24.71 5.51 -13.12
CA HIS A 93 24.92 6.96 -13.40
C HIS A 93 25.35 7.68 -12.11
N ASP A 94 24.72 7.36 -10.98
CA ASP A 94 24.79 8.18 -9.74
C ASP A 94 25.18 7.35 -8.52
N THR A 95 24.37 6.38 -8.14
CA THR A 95 24.38 5.88 -6.75
C THR A 95 25.67 5.12 -6.45
N LYS A 96 26.16 4.34 -7.41
CA LYS A 96 27.38 3.52 -7.18
C LYS A 96 28.55 4.46 -6.87
N HIS A 97 28.60 5.66 -7.48
CA HIS A 97 29.69 6.66 -7.28
C HIS A 97 29.52 7.28 -5.90
N ILE A 98 28.26 7.54 -5.51
CA ILE A 98 27.93 8.10 -4.18
C ILE A 98 28.43 7.12 -3.15
N LEU A 99 28.18 5.82 -3.30
CA LEU A 99 28.56 4.83 -2.26
C LEU A 99 30.08 4.55 -2.30
N SER A 100 30.69 4.52 -3.49
CA SER A 100 32.17 4.35 -3.60
C SER A 100 32.86 5.53 -2.91
N ASN A 101 32.38 6.75 -3.14
CA ASN A 101 32.98 7.97 -2.52
C ASN A 101 32.69 8.03 -1.02
N ALA A 102 31.50 7.67 -0.56
CA ALA A 102 31.22 7.53 0.88
C ALA A 102 32.25 6.58 1.53
N LEU A 103 32.50 5.42 0.92
CA LEU A 103 33.38 4.38 1.54
C LEU A 103 34.76 5.00 1.71
N ARG A 104 35.25 5.64 0.66
CA ARG A 104 36.61 6.26 0.56
C ARG A 104 36.70 7.44 1.53
N HIS A 105 35.75 8.39 1.44
CA HIS A 105 35.83 9.66 2.18
C HIS A 105 35.65 9.40 3.67
N LEU A 106 34.74 8.50 4.07
CA LEU A 106 34.47 8.24 5.52
C LEU A 106 35.67 7.49 6.10
N HIS A 107 36.16 6.47 5.39
CA HIS A 107 37.40 5.74 5.76
C HIS A 107 38.46 6.77 6.11
N ASP A 108 38.74 7.72 5.21
CA ASP A 108 39.87 8.69 5.30
C ASP A 108 39.59 9.81 6.32
N ASN A 109 38.33 10.09 6.67
CA ASN A 109 37.97 11.28 7.50
C ASN A 109 37.11 10.84 8.67
N PRO A 110 37.72 10.49 9.82
CA PRO A 110 37.02 9.79 10.90
C PRO A 110 35.86 10.54 11.58
N GLU A 111 35.82 11.87 11.44
CA GLU A 111 34.80 12.72 12.11
C GLU A 111 33.64 13.00 11.15
N MET A 112 33.85 12.75 9.86
CA MET A 112 32.80 12.84 8.82
C MET A 112 31.78 11.69 9.01
N LYS A 113 30.51 11.99 8.79
CA LYS A 113 29.36 11.08 9.03
C LYS A 113 28.45 11.12 7.81
N PHE A 114 27.61 10.10 7.67
CA PHE A 114 26.70 9.98 6.50
C PHE A 114 25.57 9.04 6.89
N ILE A 115 24.34 9.35 6.46
CA ILE A 115 23.22 8.42 6.70
C ILE A 115 22.78 7.83 5.34
N TRP A 116 22.28 6.60 5.38
CA TRP A 116 21.79 5.93 4.15
C TRP A 116 20.45 5.27 4.40
N ALA A 117 19.48 5.44 3.49
CA ALA A 117 18.10 4.97 3.71
C ALA A 117 17.75 3.75 2.82
N GLU A 118 18.08 3.80 1.52
CA GLU A 118 17.58 2.81 0.53
C GLU A 118 18.50 1.59 0.47
N ILE A 119 18.05 0.49 1.07
CA ILE A 119 18.89 -0.74 1.13
C ILE A 119 18.89 -1.44 -0.24
N SER A 120 17.85 -1.28 -1.06
CA SER A 120 17.85 -1.82 -2.44
C SER A 120 19.19 -1.42 -3.10
N TYR A 121 19.54 -0.13 -3.06
CA TYR A 121 20.78 0.40 -3.68
C TYR A 121 22.00 -0.08 -2.92
N PHE A 122 21.96 -0.05 -1.60
CA PHE A 122 23.13 -0.48 -0.79
C PHE A 122 23.49 -1.96 -1.05
N ALA A 123 22.49 -2.84 -1.08
CA ALA A 123 22.69 -4.28 -1.40
C ALA A 123 23.26 -4.41 -2.82
N ARG A 124 22.69 -3.72 -3.80
CA ARG A 124 23.17 -3.73 -5.21
C ARG A 124 24.67 -3.38 -5.24
N PHE A 125 25.08 -2.35 -4.50
CA PHE A 125 26.50 -1.92 -4.36
C PHE A 125 27.36 -2.98 -3.63
N TYR A 126 26.96 -3.35 -2.42
CA TYR A 126 27.80 -4.15 -1.49
C TYR A 126 28.19 -5.48 -2.12
N HIS A 127 27.26 -6.14 -2.83
CA HIS A 127 27.49 -7.48 -3.42
C HIS A 127 28.56 -7.39 -4.51
N ASP A 128 28.77 -6.20 -5.08
CA ASP A 128 29.73 -6.01 -6.20
C ASP A 128 31.15 -5.67 -5.69
N LEU A 129 31.36 -5.52 -4.39
CA LEU A 129 32.67 -5.15 -3.78
C LEU A 129 33.56 -6.40 -3.59
N GLY A 130 34.89 -6.23 -3.62
CA GLY A 130 35.87 -7.25 -3.18
C GLY A 130 35.88 -7.33 -1.68
N GLU A 131 36.39 -8.40 -1.09
CA GLU A 131 36.31 -8.70 0.37
C GLU A 131 36.91 -7.56 1.20
N ASN A 132 37.95 -6.90 0.66
CA ASN A 132 38.70 -5.85 1.39
C ASN A 132 37.79 -4.62 1.54
N LYS A 133 37.21 -4.19 0.43
CA LYS A 133 36.21 -3.09 0.37
C LYS A 133 35.04 -3.45 1.29
N LYS A 134 34.54 -4.69 1.20
CA LYS A 134 33.43 -5.16 2.07
C LYS A 134 33.81 -4.94 3.53
N LEU A 135 35.04 -5.31 3.93
CA LEU A 135 35.50 -5.19 5.34
C LEU A 135 35.69 -3.71 5.71
N GLN A 136 36.25 -2.89 4.82
CA GLN A 136 36.34 -1.41 4.95
C GLN A 136 34.95 -0.82 5.23
N MET A 137 33.96 -1.26 4.46
CA MET A 137 32.55 -0.80 4.65
C MET A 137 32.09 -1.22 6.04
N LYS A 138 32.28 -2.48 6.44
CA LYS A 138 31.85 -2.94 7.77
C LYS A 138 32.46 -2.03 8.85
N SER A 139 33.73 -1.63 8.70
CA SER A 139 34.48 -0.86 9.74
C SER A 139 33.83 0.53 9.92
N ILE A 140 33.44 1.19 8.84
CA ILE A 140 32.81 2.54 8.94
C ILE A 140 31.33 2.44 9.38
N VAL A 141 30.72 1.26 9.33
CA VAL A 141 29.35 1.05 9.92
C VAL A 141 29.52 0.78 11.42
N LYS A 142 30.51 -0.05 11.79
CA LYS A 142 30.72 -0.47 13.20
C LYS A 142 31.18 0.73 14.04
N ASN A 143 32.04 1.61 13.51
CA ASN A 143 32.47 2.83 14.26
C ASN A 143 31.42 3.95 14.13
N GLY A 144 30.28 3.72 13.46
CA GLY A 144 29.12 4.65 13.47
C GLY A 144 29.23 5.84 12.53
N GLN A 145 30.23 5.86 11.64
CA GLN A 145 30.42 6.92 10.63
C GLN A 145 29.31 6.85 9.58
N LEU A 146 29.06 5.66 9.03
CA LEU A 146 27.94 5.41 8.10
C LEU A 146 26.82 4.75 8.90
N GLU A 147 25.67 5.42 8.98
CA GLU A 147 24.52 4.93 9.76
C GLU A 147 23.35 4.70 8.80
N PHE A 148 22.75 3.51 8.88
CA PHE A 148 21.50 3.20 8.13
C PHE A 148 20.34 3.80 8.89
N VAL A 149 19.43 4.43 8.15
CA VAL A 149 18.22 5.04 8.75
C VAL A 149 17.01 4.33 8.12
N THR A 150 16.07 3.89 8.96
CA THR A 150 14.95 3.01 8.56
C THR A 150 15.48 1.64 8.11
N GLY A 151 16.21 1.59 7.01
CA GLY A 151 16.78 0.33 6.49
C GLY A 151 15.75 -0.50 5.77
N GLY A 152 14.71 0.13 5.24
CA GLY A 152 13.81 -0.53 4.31
C GLY A 152 14.52 -0.73 2.98
N TRP A 153 14.00 -1.62 2.15
CA TRP A 153 14.40 -1.76 0.75
C TRP A 153 14.27 -0.40 0.05
N VAL A 154 13.18 0.32 0.33
CA VAL A 154 12.90 1.67 -0.21
C VAL A 154 12.49 2.61 0.92
N MET A 155 12.22 3.88 0.58
CA MET A 155 11.46 4.81 1.46
C MET A 155 10.05 4.85 0.86
N PRO A 156 9.12 4.02 1.37
CA PRO A 156 7.87 3.74 0.66
C PRO A 156 6.91 4.93 0.66
N ASP A 157 6.09 5.01 -0.38
CA ASP A 157 4.81 5.74 -0.36
C ASP A 157 4.05 5.35 0.91
N GLU A 158 3.30 6.28 1.53
CA GLU A 158 2.51 6.04 2.76
C GLU A 158 1.01 6.17 2.47
N ALA A 159 0.63 6.63 1.27
CA ALA A 159 -0.78 6.81 0.87
C ALA A 159 -1.37 5.53 0.28
N ASN A 160 -0.76 5.03 -0.80
CA ASN A 160 -1.35 3.96 -1.64
C ASN A 160 -0.92 2.59 -1.11
N SER A 161 0.18 2.53 -0.37
CA SER A 161 0.85 1.25 -0.02
C SER A 161 -0.03 0.49 0.98
N HIS A 162 -0.13 -0.81 0.83
CA HIS A 162 -0.76 -1.70 1.82
C HIS A 162 0.23 -1.94 2.97
N TRP A 163 -0.26 -1.93 4.20
CA TRP A 163 0.60 -2.17 5.38
C TRP A 163 1.40 -3.47 5.21
N ARG A 164 0.84 -4.49 4.59
CA ARG A 164 1.56 -5.76 4.43
C ARG A 164 2.81 -5.56 3.56
N ASN A 165 2.74 -4.70 2.55
CA ASN A 165 3.88 -4.44 1.63
C ASN A 165 4.85 -3.46 2.28
N VAL A 166 4.40 -2.53 3.11
CA VAL A 166 5.31 -1.67 3.90
C VAL A 166 6.13 -2.61 4.79
N LEU A 167 5.48 -3.54 5.49
CA LEU A 167 6.22 -4.50 6.35
C LEU A 167 7.16 -5.37 5.49
N LEU A 168 6.72 -5.78 4.30
CA LEU A 168 7.55 -6.67 3.46
C LEU A 168 8.84 -5.94 3.09
N GLN A 169 8.74 -4.67 2.67
CA GLN A 169 9.95 -3.97 2.16
C GLN A 169 10.81 -3.59 3.37
N LEU A 170 10.21 -3.26 4.52
CA LEU A 170 10.99 -3.06 5.76
C LEU A 170 11.78 -4.35 6.13
N THR A 171 11.09 -5.50 6.10
CA THR A 171 11.68 -6.81 6.45
C THR A 171 12.81 -7.12 5.47
N GLU A 172 12.59 -6.84 4.17
CA GLU A 172 13.58 -7.18 3.15
C GLU A 172 14.88 -6.38 3.38
N GLY A 173 14.75 -5.08 3.61
CA GLY A 173 15.91 -4.22 3.90
C GLY A 173 16.59 -4.61 5.21
N GLN A 174 15.82 -4.76 6.28
CA GLN A 174 16.39 -4.99 7.63
C GLN A 174 17.00 -6.40 7.69
N THR A 175 16.40 -7.39 7.02
CA THR A 175 16.97 -8.76 6.96
C THR A 175 18.34 -8.70 6.27
N TRP A 176 18.43 -7.98 5.16
CA TRP A 176 19.71 -7.73 4.48
C TRP A 176 20.70 -7.08 5.46
N LEU A 177 20.31 -6.01 6.16
CA LEU A 177 21.25 -5.31 7.07
C LEU A 177 21.70 -6.27 8.21
N LYS A 178 20.77 -6.96 8.85
CA LYS A 178 21.08 -7.89 9.97
C LYS A 178 22.06 -8.95 9.46
N GLN A 179 21.71 -9.59 8.35
CA GLN A 179 22.49 -10.67 7.70
C GLN A 179 23.88 -10.18 7.27
N PHE A 180 24.02 -9.01 6.62
CA PHE A 180 25.30 -8.62 5.97
C PHE A 180 26.05 -7.50 6.71
N MET A 181 25.44 -6.80 7.66
CA MET A 181 26.09 -5.65 8.35
CA MET A 181 26.11 -5.66 8.34
C MET A 181 25.97 -5.80 9.86
N ASN A 182 25.21 -6.79 10.32
CA ASN A 182 24.87 -7.08 11.76
C ASN A 182 24.42 -5.77 12.42
N VAL A 183 23.46 -5.05 11.80
CA VAL A 183 22.88 -3.79 12.37
C VAL A 183 21.38 -3.79 12.08
N THR A 184 20.61 -3.26 13.02
CA THR A 184 19.15 -3.08 12.90
C THR A 184 18.80 -1.66 13.31
N PRO A 185 18.57 -0.75 12.34
CA PRO A 185 18.14 0.61 12.67
C PRO A 185 16.93 0.71 13.60
N THR A 186 16.95 1.66 14.54
CA THR A 186 15.81 2.01 15.42
C THR A 186 15.36 3.45 15.19
N ALA A 187 15.94 4.15 14.23
CA ALA A 187 15.50 5.51 13.80
C ALA A 187 15.09 5.49 12.32
N SER A 188 13.92 6.03 12.01
CA SER A 188 13.40 6.05 10.62
C SER A 188 13.55 7.45 10.04
N TRP A 189 13.82 7.53 8.73
CA TRP A 189 14.05 8.77 7.95
C TRP A 189 13.13 8.68 6.73
N ALA A 190 12.09 9.50 6.70
CA ALA A 190 11.11 9.51 5.61
C ALA A 190 10.94 10.98 5.16
N ILE A 191 11.88 11.44 4.34
CA ILE A 191 11.96 12.89 3.95
C ILE A 191 11.09 13.18 2.72
N ASP A 192 10.68 12.17 1.94
CA ASP A 192 10.07 12.46 0.61
C ASP A 192 8.64 11.95 0.40
N PRO A 193 8.08 10.95 1.11
CA PRO A 193 6.71 10.53 0.80
C PRO A 193 5.75 11.72 0.90
N PHE A 194 4.70 11.71 0.07
CA PHE A 194 3.92 12.94 -0.25
C PHE A 194 2.73 12.96 0.72
N GLY A 195 3.05 13.30 1.97
CA GLY A 195 2.15 13.11 3.11
C GLY A 195 2.51 11.86 3.89
N HIS A 196 2.06 11.73 5.13
CA HIS A 196 2.53 10.65 6.05
C HIS A 196 1.36 9.99 6.76
N SER A 197 1.51 8.68 6.95
CA SER A 197 0.50 7.79 7.53
C SER A 197 0.94 7.31 8.91
N PRO A 198 -0.01 7.17 9.86
CA PRO A 198 0.31 6.60 11.17
C PRO A 198 0.54 5.08 11.05
N THR A 199 0.29 4.51 9.87
CA THR A 199 0.66 3.11 9.62
C THR A 199 2.17 2.95 9.82
N MET A 200 2.95 3.96 9.48
CA MET A 200 4.43 3.84 9.64
C MET A 200 4.82 3.68 11.12
N PRO A 201 4.53 4.62 12.05
CA PRO A 201 4.89 4.40 13.45
C PRO A 201 4.31 3.08 13.98
N TYR A 202 3.10 2.72 13.59
CA TYR A 202 2.46 1.44 14.00
C TYR A 202 3.44 0.28 13.74
N ILE A 203 3.92 0.14 12.49
CA ILE A 203 4.81 -0.98 12.06
C ILE A 203 6.17 -0.79 12.71
N LEU A 204 6.71 0.43 12.64
CA LEU A 204 8.05 0.72 13.18
C LEU A 204 8.07 0.39 14.69
N GLN A 205 7.07 0.80 15.46
CA GLN A 205 7.12 0.63 16.95
C GLN A 205 7.00 -0.86 17.31
N LYS A 206 6.35 -1.65 16.44
CA LYS A 206 6.24 -3.14 16.60
C LYS A 206 7.44 -3.80 15.91
N SER A 207 8.39 -3.01 15.40
CA SER A 207 9.61 -3.51 14.75
C SER A 207 10.87 -3.01 15.49
N GLY A 208 10.71 -2.63 16.77
CA GLY A 208 11.86 -2.26 17.63
C GLY A 208 12.30 -0.82 17.49
N PHE A 209 11.64 0.00 16.66
CA PHE A 209 12.06 1.42 16.49
C PHE A 209 11.77 2.22 17.77
N LYS A 210 12.56 3.27 17.99
CA LYS A 210 12.41 4.24 19.10
C LYS A 210 12.12 5.65 18.56
N ASN A 211 12.45 5.94 17.29
CA ASN A 211 12.30 7.33 16.76
C ASN A 211 12.05 7.34 15.25
N MET A 212 11.28 8.33 14.76
CA MET A 212 11.10 8.50 13.30
C MET A 212 11.07 9.99 12.93
N LEU A 213 11.34 10.27 11.68
CA LEU A 213 11.43 11.64 11.15
C LEU A 213 10.59 11.70 9.87
N ILE A 214 9.79 12.76 9.74
CA ILE A 214 8.92 13.03 8.57
C ILE A 214 9.18 14.47 8.09
N GLN A 215 8.85 14.74 6.82
CA GLN A 215 9.07 16.06 6.20
C GLN A 215 7.81 16.57 5.50
N ARG A 216 7.19 15.80 4.62
CA ARG A 216 6.18 16.37 3.69
C ARG A 216 4.81 16.39 4.37
N THR A 217 4.54 17.48 5.08
CA THR A 217 3.23 17.75 5.73
C THR A 217 2.79 19.14 5.23
N HIS A 218 1.49 19.35 5.18
CA HIS A 218 0.86 20.63 4.76
C HIS A 218 1.62 21.81 5.39
N TYR A 219 1.94 22.83 4.59
CA TYR A 219 2.63 24.07 5.04
C TYR A 219 1.88 24.70 6.24
N SER A 220 0.55 24.73 6.20
N SER A 220 0.54 24.73 6.19
CA SER A 220 -0.30 25.24 7.31
CA SER A 220 -0.31 25.24 7.28
C SER A 220 -0.12 24.40 8.57
C SER A 220 -0.12 24.41 8.55
N VAL A 221 0.07 23.09 8.42
CA VAL A 221 0.27 22.20 9.61
C VAL A 221 1.63 22.51 10.26
N LYS A 222 2.70 22.64 9.45
CA LYS A 222 4.06 23.01 9.89
C LYS A 222 4.01 24.30 10.72
N LYS A 223 3.34 25.33 10.22
CA LYS A 223 3.21 26.64 10.93
C LYS A 223 2.50 26.44 12.26
N GLU A 224 1.36 25.73 12.24
CA GLU A 224 0.53 25.57 13.47
C GLU A 224 1.35 24.85 14.51
N LEU A 225 1.92 23.68 14.16
CA LEU A 225 2.70 22.90 15.16
C LEU A 225 3.93 23.73 15.60
N ALA A 226 4.63 24.37 14.66
CA ALA A 226 5.84 25.18 14.94
C ALA A 226 5.49 26.22 16.00
N GLN A 227 4.35 26.85 15.89
CA GLN A 227 3.98 27.97 16.79
C GLN A 227 3.88 27.44 18.23
N GLN A 228 3.46 26.19 18.41
CA GLN A 228 3.26 25.57 19.73
C GLN A 228 4.45 24.67 20.09
N ARG A 229 5.50 24.67 19.25
CA ARG A 229 6.67 23.77 19.41
C ARG A 229 6.14 22.34 19.55
N GLN A 230 5.30 21.91 18.61
CA GLN A 230 4.74 20.54 18.56
C GLN A 230 5.20 19.82 17.30
N LEU A 231 6.43 20.08 16.85
CA LEU A 231 7.01 19.41 15.68
C LEU A 231 7.69 18.11 16.11
N GLU A 232 7.96 17.95 17.41
CA GLU A 232 8.34 16.66 18.02
C GLU A 232 7.17 16.21 18.89
N PHE A 233 6.76 14.95 18.73
CA PHE A 233 5.50 14.47 19.35
C PHE A 233 5.55 12.94 19.46
N LEU A 234 4.76 12.44 20.40
CA LEU A 234 4.65 11.00 20.65
C LEU A 234 3.45 10.54 19.83
N TRP A 235 3.73 9.99 18.63
CA TRP A 235 2.70 9.64 17.63
C TRP A 235 2.11 8.28 18.04
N ARG A 236 0.87 8.30 18.54
CA ARG A 236 0.07 7.09 18.86
C ARG A 236 -1.01 6.92 17.82
N GLN A 237 -1.50 5.68 17.70
CA GLN A 237 -2.63 5.35 16.83
C GLN A 237 -3.88 6.02 17.38
N ILE A 238 -4.84 6.30 16.52
CA ILE A 238 -6.08 7.08 16.82
C ILE A 238 -6.99 6.34 17.82
N TRP A 239 -6.82 5.02 18.05
CA TRP A 239 -7.65 4.19 18.97
C TRP A 239 -6.88 3.87 20.25
N ASP A 240 -5.63 4.32 20.36
CA ASP A 240 -4.74 3.88 21.46
C ASP A 240 -4.95 4.73 22.71
N ASN A 241 -5.71 4.23 23.70
CA ASN A 241 -6.03 4.95 24.98
C ASN A 241 -4.80 5.00 25.87
N LYS A 242 -4.08 3.88 25.92
CA LYS A 242 -2.97 3.60 26.84
C LYS A 242 -1.71 4.35 26.39
N GLY A 243 -1.45 4.32 25.08
CA GLY A 243 -0.28 4.97 24.46
C GLY A 243 0.87 4.00 24.25
N ASP A 244 0.63 2.69 24.24
CA ASP A 244 1.69 1.69 24.03
C ASP A 244 2.14 1.67 22.55
N THR A 245 1.37 2.20 21.61
CA THR A 245 1.79 2.28 20.18
C THR A 245 2.65 3.53 19.91
N ALA A 246 2.81 4.45 20.89
CA ALA A 246 3.46 5.77 20.74
C ALA A 246 4.88 5.60 20.19
N LEU A 247 5.25 6.36 19.15
CA LEU A 247 6.65 6.45 18.67
C LEU A 247 7.06 7.93 18.60
N PHE A 248 8.22 8.28 19.11
CA PHE A 248 8.70 9.68 19.07
C PHE A 248 8.94 10.06 17.62
N THR A 249 8.34 11.17 17.19
CA THR A 249 8.36 11.63 15.79
C THR A 249 8.88 13.07 15.74
N HIS A 250 9.83 13.32 14.84
CA HIS A 250 10.36 14.66 14.52
C HIS A 250 9.81 15.03 13.13
N MET A 251 8.98 16.05 13.10
CA MET A 251 8.53 16.67 11.83
C MET A 251 9.46 17.85 11.53
N MET A 252 10.10 17.83 10.36
N MET A 252 10.08 17.84 10.35
CA MET A 252 10.96 18.96 9.91
CA MET A 252 10.96 18.98 9.96
C MET A 252 10.05 20.15 9.63
C MET A 252 10.04 20.15 9.62
N PRO A 253 10.48 21.40 9.90
CA PRO A 253 9.58 22.57 9.88
C PRO A 253 9.36 23.29 8.53
N PHE A 254 10.20 23.03 7.52
CA PHE A 254 10.35 23.92 6.34
C PHE A 254 9.90 23.21 5.05
N TYR A 255 10.00 23.91 3.91
CA TYR A 255 9.34 23.54 2.61
C TYR A 255 9.96 22.29 1.99
N SER A 256 11.25 22.06 2.25
CA SER A 256 12.07 21.02 1.58
C SER A 256 13.07 20.37 2.56
N TYR A 257 13.65 19.26 2.14
CA TYR A 257 14.77 18.56 2.85
C TYR A 257 16.10 19.08 2.31
N ASP A 258 16.08 19.90 1.26
CA ASP A 258 17.31 20.43 0.61
C ASP A 258 18.02 21.39 1.58
N ILE A 259 19.23 21.77 1.22
CA ILE A 259 20.10 22.55 2.16
C ILE A 259 19.53 23.95 2.38
N PRO A 260 18.95 24.64 1.36
CA PRO A 260 18.33 25.94 1.58
C PRO A 260 17.17 25.90 2.58
N HIS A 261 16.51 24.75 2.72
CA HIS A 261 15.32 24.64 3.61
C HIS A 261 15.64 23.81 4.86
N THR A 262 16.92 23.54 5.17
CA THR A 262 17.25 22.75 6.41
C THR A 262 18.20 23.46 7.41
N CYS A 263 18.89 24.54 7.05
CA CYS A 263 19.82 25.21 8.02
C CYS A 263 19.01 26.13 8.97
N GLY A 264 17.82 26.56 8.54
CA GLY A 264 17.05 27.58 9.24
C GLY A 264 16.00 28.23 8.34
N PRO A 265 15.28 29.24 8.83
CA PRO A 265 14.08 29.76 8.15
C PRO A 265 14.28 30.57 6.85
N ASP A 266 15.50 31.04 6.60
CA ASP A 266 15.76 31.95 5.45
C ASP A 266 16.60 31.20 4.42
N PRO A 267 15.97 30.70 3.34
CA PRO A 267 16.69 29.91 2.35
C PRO A 267 17.74 30.72 1.59
N LYS A 268 17.61 32.04 1.53
CA LYS A 268 18.64 32.89 0.85
C LYS A 268 19.97 32.75 1.61
N VAL A 269 19.90 32.69 2.95
CA VAL A 269 21.08 32.48 3.83
C VAL A 269 21.51 31.00 3.75
N CYS A 270 20.61 30.04 3.94
CA CYS A 270 20.96 28.59 3.99
C CYS A 270 21.60 28.15 2.68
N CYS A 271 21.14 28.69 1.56
CA CYS A 271 21.69 28.34 0.25
C CYS A 271 23.20 28.71 0.17
N GLN A 272 23.66 29.71 0.93
CA GLN A 272 25.09 30.10 0.95
C GLN A 272 25.96 29.06 1.66
N PHE A 273 25.37 28.05 2.30
CA PHE A 273 26.09 26.99 3.04
C PHE A 273 25.85 25.62 2.38
N ASP A 274 25.40 25.66 1.12
CA ASP A 274 25.46 24.49 0.20
C ASP A 274 26.66 24.67 -0.70
N PHE A 275 27.78 24.10 -0.29
CA PHE A 275 29.10 24.43 -0.88
C PHE A 275 29.22 23.80 -2.27
N LYS A 276 28.31 22.90 -2.66
CA LYS A 276 28.29 22.35 -4.03
C LYS A 276 27.76 23.38 -5.03
N ARG A 277 27.12 24.46 -4.57
CA ARG A 277 26.43 25.43 -5.47
C ARG A 277 27.40 26.54 -5.93
N MET A 278 28.71 26.41 -5.76
CA MET A 278 29.66 27.53 -6.03
C MET A 278 30.00 27.60 -7.52
N LEU A 283 24.65 24.23 -10.90
CA LEU A 283 23.91 24.44 -9.62
C LEU A 283 24.32 25.79 -9.01
N SER A 284 23.34 26.61 -8.66
CA SER A 284 23.53 27.96 -8.09
C SER A 284 22.33 28.26 -7.18
N CYS A 285 22.37 29.36 -6.44
CA CYS A 285 21.32 29.74 -5.49
C CYS A 285 20.28 30.61 -6.17
N PRO A 286 19.02 30.16 -6.30
CA PRO A 286 17.99 30.99 -6.91
C PRO A 286 17.68 32.30 -6.18
N TRP A 287 18.16 32.51 -4.94
CA TRP A 287 18.03 33.80 -4.20
C TRP A 287 19.18 34.74 -4.62
N LYS A 288 20.10 34.26 -5.47
CA LYS A 288 21.15 35.04 -6.20
C LYS A 288 22.25 35.54 -5.25
N VAL A 289 22.46 34.86 -4.11
CA VAL A 289 23.69 35.04 -3.29
C VAL A 289 24.40 33.69 -3.24
N PRO A 290 25.51 33.52 -3.98
CA PRO A 290 26.21 32.24 -4.02
C PRO A 290 26.87 31.91 -2.68
N PRO A 291 27.25 30.63 -2.44
CA PRO A 291 28.06 30.27 -1.30
C PRO A 291 29.43 30.91 -1.49
N ARG A 292 30.15 31.15 -0.40
CA ARG A 292 31.57 31.62 -0.41
C ARG A 292 32.41 30.58 0.33
N THR A 293 33.54 30.18 -0.27
CA THR A 293 34.59 29.38 0.41
C THR A 293 34.84 30.02 1.76
N ILE A 294 34.87 29.24 2.84
CA ILE A 294 35.17 29.74 4.20
C ILE A 294 36.69 29.96 4.29
N SER A 295 37.12 31.11 4.83
CA SER A 295 38.54 31.49 5.06
C SER A 295 38.70 32.09 6.47
N ASP A 296 39.94 32.22 6.95
CA ASP A 296 40.27 32.98 8.18
C ASP A 296 39.66 34.40 8.07
N GLN A 297 39.55 34.97 6.86
CA GLN A 297 39.10 36.37 6.55
C GLN A 297 37.59 36.55 6.78
N ASN A 298 36.76 35.52 6.56
CA ASN A 298 35.27 35.69 6.59
C ASN A 298 34.63 34.74 7.60
N VAL A 299 35.39 33.92 8.31
CA VAL A 299 34.76 32.79 9.06
C VAL A 299 33.91 33.38 10.21
N ALA A 300 34.36 34.48 10.86
CA ALA A 300 33.61 35.14 11.95
C ALA A 300 32.25 35.60 11.43
N ALA A 301 32.21 36.18 10.23
CA ALA A 301 31.00 36.73 9.58
C ALA A 301 30.06 35.60 9.13
N ARG A 302 30.61 34.61 8.43
CA ARG A 302 29.89 33.40 7.94
C ARG A 302 29.28 32.65 9.14
N SER A 303 30.05 32.45 10.21
CA SER A 303 29.60 31.69 11.40
C SER A 303 28.43 32.44 12.01
N ASP A 304 28.51 33.78 12.02
CA ASP A 304 27.47 34.62 12.69
C ASP A 304 26.14 34.46 11.94
N LEU A 305 26.16 34.58 10.62
CA LEU A 305 25.04 34.31 9.69
C LEU A 305 24.43 32.91 9.96
N LEU A 306 25.28 31.87 9.99
CA LEU A 306 24.80 30.47 10.08
C LEU A 306 24.25 30.18 11.49
N VAL A 307 24.97 30.59 12.53
CA VAL A 307 24.50 30.28 13.91
C VAL A 307 23.16 31.00 14.13
N ASP A 308 23.00 32.20 13.58
CA ASP A 308 21.71 32.93 13.68
C ASP A 308 20.57 32.08 13.09
N GLN A 309 20.77 31.48 11.91
CA GLN A 309 19.78 30.54 11.29
C GLN A 309 19.52 29.37 12.25
N TRP A 310 20.59 28.72 12.73
CA TRP A 310 20.49 27.56 13.65
C TRP A 310 19.66 27.94 14.86
N LYS A 311 19.94 29.08 15.49
CA LYS A 311 19.23 29.46 16.72
C LYS A 311 17.77 29.78 16.42
N LYS A 312 17.47 30.32 15.24
CA LYS A 312 16.04 30.50 14.85
C LYS A 312 15.36 29.12 14.71
N LYS A 313 15.97 28.18 13.99
CA LYS A 313 15.39 26.83 13.83
C LYS A 313 15.16 26.20 15.22
N ALA A 314 16.12 26.34 16.12
CA ALA A 314 16.09 25.79 17.50
C ALA A 314 14.93 26.39 18.29
N GLU A 315 14.45 27.61 18.00
CA GLU A 315 13.29 28.18 18.74
C GLU A 315 12.03 27.34 18.51
N LEU A 316 11.93 26.64 17.38
CA LEU A 316 10.74 25.83 17.01
C LEU A 316 10.72 24.50 17.77
N TYR A 317 11.82 24.06 18.39
CA TYR A 317 11.92 22.77 19.12
C TYR A 317 12.14 23.00 20.63
N ARG A 318 11.88 21.98 21.45
CA ARG A 318 11.76 22.12 22.92
C ARG A 318 13.10 21.86 23.62
N THR A 319 14.09 21.29 22.94
CA THR A 319 15.41 21.01 23.54
C THR A 319 16.44 21.95 22.91
N ASN A 320 17.66 21.92 23.45
CA ASN A 320 18.84 22.67 22.98
C ASN A 320 19.66 21.75 22.09
N VAL A 321 19.04 20.71 21.53
CA VAL A 321 19.64 19.79 20.54
C VAL A 321 18.94 20.00 19.19
N LEU A 322 19.73 20.33 18.16
CA LEU A 322 19.26 20.78 16.84
C LEU A 322 19.71 19.80 15.77
N LEU A 323 18.78 19.39 14.92
CA LEU A 323 19.07 18.55 13.72
C LEU A 323 19.16 19.44 12.50
N ILE A 324 20.30 19.40 11.81
CA ILE A 324 20.58 20.10 10.53
C ILE A 324 20.99 19.06 9.51
N PRO A 325 20.01 18.49 8.77
CA PRO A 325 20.31 17.68 7.60
C PRO A 325 21.14 18.52 6.62
N LEU A 326 22.09 17.86 5.94
CA LEU A 326 22.96 18.45 4.90
C LEU A 326 22.97 17.52 3.69
N GLY A 327 22.03 17.72 2.77
CA GLY A 327 21.98 16.86 1.59
C GLY A 327 20.86 17.26 0.66
N ASP A 328 20.73 16.48 -0.40
CA ASP A 328 19.74 16.70 -1.50
C ASP A 328 19.80 15.45 -2.37
N ASP A 329 19.05 15.47 -3.46
CA ASP A 329 18.95 14.36 -4.44
C ASP A 329 20.33 13.99 -4.97
N PHE A 330 20.67 12.70 -4.80
CA PHE A 330 21.88 12.07 -5.35
C PHE A 330 23.09 12.96 -5.09
N ARG A 331 23.19 13.51 -3.87
CA ARG A 331 24.34 14.33 -3.42
C ARG A 331 25.47 13.40 -2.97
N PHE A 332 26.69 13.95 -2.95
CA PHE A 332 27.90 13.25 -2.45
C PHE A 332 28.31 12.24 -3.51
N LYS A 333 28.09 12.61 -4.77
N LYS A 333 28.09 12.61 -4.77
CA LYS A 333 28.42 11.81 -5.97
CA LYS A 333 28.42 11.81 -5.97
C LYS A 333 29.92 11.96 -6.31
C LYS A 333 29.92 11.96 -6.31
N GLN A 334 30.43 13.20 -6.33
CA GLN A 334 31.86 13.51 -6.64
C GLN A 334 32.68 13.57 -5.35
N ASN A 335 33.96 13.18 -5.41
CA ASN A 335 34.88 13.29 -4.24
C ASN A 335 35.13 14.78 -3.97
N THR A 336 35.01 15.65 -4.98
CA THR A 336 35.18 17.14 -4.80
C THR A 336 33.94 17.73 -4.09
N GLU A 337 32.79 17.08 -4.15
CA GLU A 337 31.64 17.53 -3.36
C GLU A 337 31.91 17.14 -1.89
N TRP A 338 32.36 15.91 -1.65
CA TRP A 338 32.74 15.47 -0.29
C TRP A 338 33.72 16.49 0.32
N ASP A 339 34.77 16.84 -0.40
CA ASP A 339 35.81 17.79 0.07
C ASP A 339 35.20 19.17 0.35
N VAL A 340 34.44 19.72 -0.60
CA VAL A 340 33.98 21.14 -0.51
C VAL A 340 32.95 21.27 0.64
N GLN A 341 32.08 20.29 0.84
CA GLN A 341 31.14 20.30 1.99
C GLN A 341 31.96 20.09 3.27
N ARG A 342 32.79 19.05 3.34
CA ARG A 342 33.50 18.67 4.60
C ARG A 342 34.43 19.80 5.05
N VAL A 343 35.30 20.30 4.17
CA VAL A 343 36.37 21.28 4.54
C VAL A 343 35.71 22.60 4.98
N ASN A 344 34.70 23.08 4.28
CA ASN A 344 34.07 24.37 4.62
C ASN A 344 33.34 24.22 5.96
N TYR A 345 32.60 23.11 6.23
CA TYR A 345 31.89 22.92 7.53
C TYR A 345 32.93 22.70 8.64
N GLU A 346 34.06 22.02 8.38
CA GLU A 346 35.12 21.86 9.41
C GLU A 346 35.60 23.26 9.86
N ARG A 347 35.92 24.13 8.89
CA ARG A 347 36.35 25.54 9.18
C ARG A 347 35.27 26.25 10.00
N LEU A 348 33.97 26.08 9.66
CA LEU A 348 32.88 26.67 10.46
C LEU A 348 32.87 26.08 11.87
N PHE A 349 32.91 24.75 12.03
CA PHE A 349 32.81 24.12 13.36
C PHE A 349 34.00 24.54 14.23
N GLU A 350 35.18 24.58 13.62
CA GLU A 350 36.45 24.91 14.32
C GLU A 350 36.29 26.30 14.95
N HIS A 351 35.86 27.27 14.12
CA HIS A 351 35.63 28.66 14.56
C HIS A 351 34.54 28.71 15.63
N ILE A 352 33.37 28.14 15.34
CA ILE A 352 32.19 28.27 16.24
C ILE A 352 32.50 27.63 17.60
N ASN A 353 33.13 26.46 17.61
CA ASN A 353 33.33 25.65 18.84
C ASN A 353 34.34 26.37 19.75
N SER A 354 35.27 27.13 19.17
CA SER A 354 36.41 27.81 19.84
C SER A 354 36.03 29.23 20.31
N GLN A 355 34.86 29.73 19.89
CA GLN A 355 34.39 31.10 20.24
C GLN A 355 33.24 30.98 21.23
N ALA A 356 33.50 31.23 22.52
CA ALA A 356 32.54 31.06 23.63
C ALA A 356 31.26 31.87 23.41
N HIS A 357 31.35 33.02 22.74
CA HIS A 357 30.24 34.01 22.61
C HIS A 357 29.07 33.35 21.88
N PHE A 358 29.33 32.40 20.98
CA PHE A 358 28.27 31.62 20.29
C PHE A 358 27.55 30.67 21.26
N ASN A 359 28.26 30.07 22.21
CA ASN A 359 27.62 29.06 23.11
C ASN A 359 26.99 27.95 22.25
N VAL A 360 27.76 27.45 21.28
CA VAL A 360 27.36 26.36 20.37
C VAL A 360 28.49 25.33 20.35
N GLN A 361 28.12 24.05 20.35
CA GLN A 361 28.97 22.91 19.92
C GLN A 361 28.33 22.32 18.67
N ALA A 362 29.01 22.41 17.54
CA ALA A 362 28.57 21.95 16.20
C ALA A 362 29.50 20.83 15.73
N GLN A 363 28.94 19.79 15.13
CA GLN A 363 29.72 18.65 14.62
C GLN A 363 28.87 17.88 13.61
N PHE A 364 29.52 17.24 12.65
CA PHE A 364 28.89 16.16 11.85
C PHE A 364 28.37 15.11 12.83
N GLY A 365 27.13 14.67 12.63
CA GLY A 365 26.49 13.62 13.43
C GLY A 365 25.61 12.72 12.56
N THR A 366 24.98 11.73 13.17
CA THR A 366 23.97 10.87 12.49
C THR A 366 22.60 11.17 13.08
N LEU A 367 21.57 10.55 12.49
CA LEU A 367 20.19 10.69 12.99
C LEU A 367 20.08 10.09 14.39
N GLN A 368 20.58 8.88 14.63
CA GLN A 368 20.47 8.23 15.97
C GLN A 368 21.13 9.13 17.04
N GLU A 369 22.26 9.74 16.72
CA GLU A 369 22.99 10.65 17.66
C GLU A 369 22.10 11.83 18.05
N TYR A 370 21.35 12.39 17.09
CA TYR A 370 20.42 13.50 17.33
C TYR A 370 19.36 13.00 18.33
N PHE A 371 18.70 11.88 18.01
CA PHE A 371 17.60 11.36 18.87
C PHE A 371 18.15 10.97 20.26
N ASP A 372 19.34 10.38 20.32
CA ASP A 372 19.96 9.99 21.61
C ASP A 372 20.09 11.24 22.49
N ALA A 373 20.62 12.33 21.93
CA ALA A 373 20.83 13.62 22.65
C ALA A 373 19.48 14.20 23.07
N VAL A 374 18.46 14.19 22.21
CA VAL A 374 17.09 14.67 22.55
C VAL A 374 16.56 13.87 23.76
N HIS A 375 16.70 12.54 23.76
CA HIS A 375 16.14 11.70 24.86
C HIS A 375 16.95 11.95 26.14
N GLN A 376 18.26 12.20 26.06
CA GLN A 376 19.06 12.61 27.24
C GLN A 376 18.45 13.90 27.82
N ALA A 377 18.16 14.91 26.99
CA ALA A 377 17.60 16.21 27.45
C ALA A 377 16.22 15.97 28.11
N GLU A 378 15.40 15.05 27.59
CA GLU A 378 14.04 14.69 28.12
C GLU A 378 14.16 13.96 29.47
N ARG A 379 15.05 12.95 29.58
CA ARG A 379 15.35 12.20 30.83
C ARG A 379 15.76 13.19 31.93
N ALA A 380 16.46 14.28 31.55
CA ALA A 380 16.99 15.33 32.46
C ALA A 380 16.00 16.51 32.64
N GLY A 381 14.72 16.34 32.31
CA GLY A 381 13.66 17.32 32.63
C GLY A 381 13.70 18.61 31.82
N GLN A 382 14.57 18.71 30.81
CA GLN A 382 14.75 19.93 29.96
C GLN A 382 13.54 20.12 29.01
N ALA A 383 12.70 19.09 28.82
CA ALA A 383 11.51 19.19 27.94
C ALA A 383 10.62 17.97 28.16
N GLU A 384 9.32 18.17 28.05
CA GLU A 384 8.30 17.10 27.88
C GLU A 384 7.62 17.31 26.53
N PHE A 385 7.29 16.21 25.86
CA PHE A 385 6.79 16.23 24.47
C PHE A 385 5.30 15.98 24.46
N PRO A 386 4.57 16.64 23.54
CA PRO A 386 3.13 16.45 23.37
C PRO A 386 2.81 15.09 22.71
N THR A 387 1.57 14.63 22.88
CA THR A 387 1.00 13.43 22.24
C THR A 387 0.22 13.88 21.01
N LEU A 388 0.22 13.05 19.96
CA LEU A 388 -0.52 13.32 18.71
C LEU A 388 -1.08 12.01 18.16
N SER A 389 -2.30 12.07 17.65
CA SER A 389 -2.97 11.02 16.83
C SER A 389 -3.45 11.69 15.55
N GLY A 390 -3.57 10.90 14.49
CA GLY A 390 -4.03 11.36 13.16
C GLY A 390 -3.03 11.07 12.06
N ASP A 391 -3.29 11.62 10.88
CA ASP A 391 -2.47 11.41 9.67
C ASP A 391 -2.11 12.78 9.11
N PHE A 392 -1.27 12.80 8.09
CA PHE A 392 -0.80 14.04 7.46
C PHE A 392 -1.15 13.95 5.98
N PHE A 393 -2.42 13.65 5.68
CA PHE A 393 -3.03 13.76 4.34
C PHE A 393 -4.20 14.74 4.42
N THR A 394 -4.49 15.49 3.34
CA THR A 394 -3.74 15.47 2.10
C THR A 394 -2.68 16.58 2.17
N TYR A 395 -1.47 16.29 1.69
CA TYR A 395 -0.30 17.19 1.65
C TYR A 395 -0.52 18.31 0.62
N ALA A 396 -0.19 19.55 1.00
CA ALA A 396 0.03 20.72 0.09
C ALA A 396 1.39 21.36 0.40
N ASP A 397 2.27 21.53 -0.60
CA ASP A 397 3.59 22.20 -0.46
C ASP A 397 3.47 23.74 -0.59
N ARG A 398 2.38 24.22 -1.22
CA ARG A 398 2.12 25.69 -1.40
C ARG A 398 0.70 25.92 -1.92
N SER A 399 0.15 27.10 -1.58
CA SER A 399 -1.16 27.62 -2.06
CA SER A 399 -1.13 27.59 -2.14
C SER A 399 -2.21 26.51 -2.03
N ASP A 400 -2.77 26.13 -3.19
CA ASP A 400 -3.87 25.13 -3.32
C ASP A 400 -3.32 23.90 -4.05
N ASN A 401 -2.00 23.72 -4.03
CA ASN A 401 -1.31 22.63 -4.77
C ASN A 401 -1.35 21.39 -3.85
N TYR A 402 -2.52 20.74 -3.77
CA TYR A 402 -2.78 19.51 -2.98
C TYR A 402 -2.38 18.28 -3.81
N TRP A 403 -1.66 17.35 -3.18
CA TRP A 403 -1.04 16.20 -3.92
C TRP A 403 -1.99 15.01 -3.82
N SER A 404 -3.26 15.15 -4.23
CA SER A 404 -4.25 14.05 -4.29
C SER A 404 -4.28 13.36 -5.68
N GLY A 405 -3.57 13.88 -6.68
CA GLY A 405 -3.50 13.24 -8.01
C GLY A 405 -2.86 11.86 -7.96
N TYR A 406 -1.80 11.68 -7.16
CA TYR A 406 -0.99 10.45 -7.16
C TYR A 406 -1.71 9.35 -6.40
N TYR A 407 -2.84 9.65 -5.76
CA TYR A 407 -3.71 8.59 -5.23
C TYR A 407 -4.31 7.76 -6.38
N THR A 408 -4.26 8.28 -7.60
CA THR A 408 -4.90 7.62 -8.77
C THR A 408 -3.89 7.36 -9.89
N SER A 409 -2.86 8.19 -10.07
CA SER A 409 -1.93 8.14 -11.23
C SER A 409 -1.48 6.69 -11.52
N ARG A 410 -1.47 6.29 -12.81
CA ARG A 410 -1.05 4.96 -13.33
C ARG A 410 -1.79 3.87 -12.54
N PRO A 411 -3.14 3.85 -12.65
CA PRO A 411 -3.97 2.94 -11.84
C PRO A 411 -3.81 1.46 -12.23
N TYR A 412 -3.28 1.16 -13.42
CA TYR A 412 -3.02 -0.24 -13.87
C TYR A 412 -2.01 -0.89 -12.90
N HIS A 413 -0.94 -0.15 -12.61
CA HIS A 413 0.19 -0.60 -11.76
C HIS A 413 -0.27 -0.57 -10.29
N LYS A 414 -1.19 0.33 -9.95
CA LYS A 414 -1.78 0.37 -8.58
C LYS A 414 -2.56 -0.92 -8.33
N ARG A 415 -3.32 -1.40 -9.31
CA ARG A 415 -4.04 -2.69 -9.20
C ARG A 415 -3.00 -3.83 -9.19
N MET A 416 -2.00 -3.77 -10.06
CA MET A 416 -0.97 -4.86 -10.15
C MET A 416 -0.30 -5.04 -8.76
N ASP A 417 -0.09 -3.96 -8.03
CA ASP A 417 0.48 -4.03 -6.65
C ASP A 417 -0.33 -5.01 -5.80
N ARG A 418 -1.65 -4.86 -5.78
CA ARG A 418 -2.54 -5.70 -4.92
C ARG A 418 -2.51 -7.15 -5.39
N VAL A 419 -2.45 -7.39 -6.70
CA VAL A 419 -2.39 -8.78 -7.20
C VAL A 419 -1.08 -9.41 -6.72
N LEU A 420 0.03 -8.75 -6.96
CA LEU A 420 1.34 -9.31 -6.61
C LEU A 420 1.43 -9.43 -5.08
N MET A 421 0.87 -8.49 -4.32
CA MET A 421 0.78 -8.59 -2.84
C MET A 421 0.28 -10.00 -2.44
N HIS A 422 -0.85 -10.40 -3.00
CA HIS A 422 -1.54 -11.68 -2.73
C HIS A 422 -0.70 -12.89 -3.21
N TYR A 423 -0.12 -12.82 -4.40
CA TYR A 423 0.66 -13.93 -5.00
C TYR A 423 1.92 -14.17 -4.15
N VAL A 424 2.55 -13.12 -3.62
CA VAL A 424 3.75 -13.29 -2.76
C VAL A 424 3.30 -13.98 -1.46
N ARG A 425 2.23 -13.51 -0.83
CA ARG A 425 1.68 -14.16 0.40
C ARG A 425 1.36 -15.62 0.10
N ALA A 426 0.66 -15.89 -1.01
CA ALA A 426 0.22 -17.27 -1.36
C ALA A 426 1.44 -18.16 -1.57
N ALA A 427 2.41 -17.65 -2.30
CA ALA A 427 3.64 -18.39 -2.68
C ALA A 427 4.48 -18.70 -1.43
N GLU A 428 4.68 -17.71 -0.57
CA GLU A 428 5.42 -17.89 0.72
C GLU A 428 4.67 -18.89 1.61
N MET A 429 3.37 -18.79 1.72
CA MET A 429 2.55 -19.69 2.57
C MET A 429 2.54 -21.11 1.99
N LEU A 430 2.30 -21.31 0.68
CA LEU A 430 2.20 -22.67 0.10
C LEU A 430 3.55 -23.39 0.24
N SER A 431 4.67 -22.69 0.01
CA SER A 431 6.02 -23.29 0.02
C SER A 431 6.55 -23.41 1.47
N ALA A 432 5.95 -22.73 2.44
CA ALA A 432 6.42 -22.72 3.85
C ALA A 432 6.19 -24.09 4.51
N TRP A 433 5.20 -24.84 4.02
CA TRP A 433 4.75 -26.10 4.67
C TRP A 433 5.87 -27.15 4.65
N HIS A 434 6.79 -27.09 3.68
CA HIS A 434 7.92 -28.05 3.50
C HIS A 434 9.25 -27.32 3.45
N SER A 435 10.32 -28.06 3.78
CA SER A 435 11.73 -27.75 3.43
CA SER A 435 11.75 -27.79 3.43
C SER A 435 11.95 -28.18 1.97
N TRP A 436 12.58 -27.32 1.19
CA TRP A 436 12.79 -27.60 -0.24
C TRP A 436 14.27 -27.77 -0.51
N ASP A 437 14.61 -28.79 -1.30
CA ASP A 437 15.99 -28.92 -1.83
C ASP A 437 16.35 -27.65 -2.60
N GLY A 438 17.59 -27.16 -2.43
CA GLY A 438 18.19 -26.05 -3.19
C GLY A 438 17.96 -26.16 -4.68
N MET A 439 17.94 -27.37 -5.23
CA MET A 439 17.69 -27.53 -6.69
C MET A 439 16.28 -27.06 -7.07
N ALA A 440 15.30 -26.98 -6.16
CA ALA A 440 13.94 -26.46 -6.50
C ALA A 440 13.97 -24.94 -6.79
N ARG A 441 15.04 -24.24 -6.36
CA ARG A 441 15.22 -22.75 -6.46
C ARG A 441 13.98 -22.01 -5.91
N ILE A 442 13.35 -22.51 -4.86
CA ILE A 442 12.18 -21.87 -4.18
C ILE A 442 12.64 -20.54 -3.54
N GLU A 443 13.72 -20.56 -2.75
CA GLU A 443 14.25 -19.38 -2.03
C GLU A 443 14.63 -18.29 -3.05
N GLU A 444 15.19 -18.66 -4.19
CA GLU A 444 15.64 -17.70 -5.22
C GLU A 444 14.44 -16.99 -5.86
N ARG A 445 13.36 -17.71 -6.12
CA ARG A 445 12.16 -17.14 -6.78
C ARG A 445 11.44 -16.24 -5.78
N LEU A 446 11.28 -16.69 -4.54
CA LEU A 446 10.61 -15.87 -3.52
C LEU A 446 11.43 -14.62 -3.25
N GLU A 447 12.76 -14.70 -3.20
CA GLU A 447 13.58 -13.49 -2.95
C GLU A 447 13.37 -12.48 -4.10
N GLN A 448 13.39 -12.95 -5.34
CA GLN A 448 13.10 -12.08 -6.51
C GLN A 448 11.71 -11.45 -6.31
N ALA A 449 10.71 -12.25 -5.97
CA ALA A 449 9.31 -11.75 -5.90
C ALA A 449 9.22 -10.67 -4.81
N ARG A 450 9.77 -10.94 -3.62
CA ARG A 450 9.76 -9.96 -2.49
C ARG A 450 10.43 -8.64 -2.91
N ARG A 451 11.53 -8.69 -3.65
CA ARG A 451 12.36 -7.50 -3.94
C ARG A 451 11.68 -6.64 -5.01
N GLU A 452 11.11 -7.24 -6.06
CA GLU A 452 10.40 -6.47 -7.11
C GLU A 452 9.15 -5.82 -6.49
N LEU A 453 8.42 -6.55 -5.66
CA LEU A 453 7.24 -5.94 -4.97
C LEU A 453 7.74 -4.87 -3.99
N SER A 454 8.80 -5.14 -3.19
CA SER A 454 9.37 -4.14 -2.26
C SER A 454 9.81 -2.87 -3.03
N LEU A 455 10.48 -3.03 -4.18
CA LEU A 455 10.96 -1.90 -5.00
C LEU A 455 9.77 -0.99 -5.38
N PHE A 456 8.64 -1.59 -5.75
CA PHE A 456 7.47 -0.84 -6.25
C PHE A 456 6.80 -0.02 -5.12
N GLN A 457 7.08 -0.33 -3.86
CA GLN A 457 6.54 0.45 -2.73
C GLN A 457 7.18 1.84 -2.71
N HIS A 458 8.31 2.03 -3.38
CA HIS A 458 8.95 3.35 -3.59
C HIS A 458 7.91 4.46 -3.86
N HIS A 459 8.21 5.66 -3.39
CA HIS A 459 7.34 6.87 -3.47
C HIS A 459 7.32 7.46 -4.91
N ASP A 460 7.97 6.83 -5.88
CA ASP A 460 7.73 7.08 -7.33
C ASP A 460 7.29 5.79 -8.04
N GLY A 461 7.09 4.67 -7.33
CA GLY A 461 6.58 3.43 -7.92
C GLY A 461 5.06 3.41 -7.93
N ILE A 462 4.49 2.84 -6.89
CA ILE A 462 3.01 2.70 -6.69
C ILE A 462 2.30 4.04 -6.87
N THR A 463 2.93 5.16 -6.52
CA THR A 463 2.36 6.53 -6.66
C THR A 463 2.04 6.90 -8.10
N GLY A 464 2.68 6.25 -9.08
CA GLY A 464 2.52 6.60 -10.51
C GLY A 464 3.15 7.94 -10.83
N THR A 465 4.28 8.28 -10.20
CA THR A 465 4.95 9.58 -10.46
C THR A 465 6.31 9.42 -11.17
N ALA A 466 6.58 8.29 -11.82
CA ALA A 466 7.86 8.07 -12.52
C ALA A 466 7.69 8.32 -14.04
N LYS A 467 8.81 8.43 -14.77
CA LYS A 467 8.77 8.62 -16.24
C LYS A 467 8.25 7.32 -16.88
N THR A 468 7.68 7.44 -18.09
CA THR A 468 7.08 6.32 -18.86
C THR A 468 7.98 5.09 -18.86
N HIS A 469 9.26 5.21 -19.22
CA HIS A 469 10.18 4.05 -19.34
C HIS A 469 10.45 3.40 -17.97
N VAL A 470 10.34 4.16 -16.88
CA VAL A 470 10.59 3.64 -15.50
C VAL A 470 9.34 2.87 -15.02
N VAL A 471 8.15 3.37 -15.33
CA VAL A 471 6.89 2.62 -15.05
C VAL A 471 6.97 1.28 -15.79
N VAL A 472 7.47 1.31 -17.02
CA VAL A 472 7.66 0.08 -17.84
C VAL A 472 8.60 -0.87 -17.10
N ASP A 473 9.67 -0.36 -16.53
CA ASP A 473 10.62 -1.21 -15.76
C ASP A 473 9.88 -1.81 -14.56
N TYR A 474 9.12 -1.03 -13.81
CA TYR A 474 8.40 -1.53 -12.60
C TYR A 474 7.46 -2.65 -13.07
N GLU A 475 6.75 -2.42 -14.18
CA GLU A 475 5.77 -3.41 -14.72
C GLU A 475 6.49 -4.71 -15.09
N GLN A 476 7.61 -4.64 -15.82
CA GLN A 476 8.34 -5.85 -16.27
C GLN A 476 8.86 -6.62 -15.05
N ARG A 477 9.42 -5.93 -14.05
CA ARG A 477 9.88 -6.53 -12.77
C ARG A 477 8.70 -7.23 -12.06
N MET A 478 7.55 -6.58 -11.95
CA MET A 478 6.38 -7.19 -11.27
C MET A 478 5.86 -8.37 -12.10
N GLN A 479 5.88 -8.31 -13.43
CA GLN A 479 5.52 -9.48 -14.30
C GLN A 479 6.43 -10.69 -13.94
N GLU A 480 7.74 -10.48 -13.84
CA GLU A 480 8.72 -11.55 -13.49
C GLU A 480 8.42 -12.09 -12.10
N ALA A 481 8.09 -11.20 -11.17
CA ALA A 481 7.75 -11.56 -9.78
C ALA A 481 6.47 -12.43 -9.79
N LEU A 482 5.44 -12.05 -10.56
CA LEU A 482 4.21 -12.86 -10.67
C LEU A 482 4.54 -14.27 -11.15
N LYS A 483 5.37 -14.38 -12.18
CA LYS A 483 5.73 -15.68 -12.78
C LYS A 483 6.50 -16.53 -11.77
N ALA A 484 7.40 -15.92 -11.01
CA ALA A 484 8.16 -16.61 -9.96
C ALA A 484 7.17 -17.16 -8.93
N CYS A 485 6.20 -16.35 -8.50
CA CYS A 485 5.17 -16.79 -7.54
C CYS A 485 4.39 -17.98 -8.08
N GLN A 486 3.99 -17.94 -9.36
CA GLN A 486 3.20 -19.01 -9.99
C GLN A 486 4.00 -20.31 -9.91
N MET A 487 5.28 -20.26 -10.27
CA MET A 487 6.15 -21.45 -10.32
C MET A 487 6.26 -22.08 -8.91
N VAL A 488 6.44 -21.23 -7.88
CA VAL A 488 6.56 -21.69 -6.46
C VAL A 488 5.20 -22.26 -6.04
N MET A 489 4.08 -21.57 -6.32
CA MET A 489 2.74 -22.02 -5.90
C MET A 489 2.38 -23.38 -6.53
N GLN A 490 2.62 -23.57 -7.83
CA GLN A 490 2.19 -24.83 -8.51
C GLN A 490 3.05 -26.01 -8.03
N GLN A 491 4.37 -25.82 -7.83
CA GLN A 491 5.24 -26.86 -7.24
C GLN A 491 4.72 -27.24 -5.87
N SER A 492 4.38 -26.24 -5.04
CA SER A 492 3.92 -26.45 -3.65
C SER A 492 2.61 -27.25 -3.66
N VAL A 493 1.66 -26.89 -4.51
CA VAL A 493 0.33 -27.53 -4.57
C VAL A 493 0.56 -29.00 -4.96
N TYR A 494 1.43 -29.24 -5.93
CA TYR A 494 1.65 -30.62 -6.41
C TYR A 494 2.17 -31.46 -5.24
N ARG A 495 3.07 -30.88 -4.46
CA ARG A 495 3.69 -31.57 -3.29
C ARG A 495 2.62 -31.82 -2.24
N LEU A 496 1.78 -30.83 -1.94
CA LEU A 496 0.81 -30.92 -0.83
C LEU A 496 -0.30 -31.93 -1.17
N LEU A 497 -0.59 -32.17 -2.45
CA LEU A 497 -1.77 -33.02 -2.81
C LEU A 497 -1.36 -34.31 -3.53
N THR A 498 -0.07 -34.68 -3.59
CA THR A 498 0.36 -35.95 -4.20
C THR A 498 0.80 -36.88 -3.05
N LYS A 499 0.30 -38.12 -3.00
CA LYS A 499 0.72 -39.14 -2.00
C LYS A 499 2.25 -39.13 -1.92
N PRO A 500 2.84 -39.01 -0.72
CA PRO A 500 4.29 -39.03 -0.55
C PRO A 500 4.96 -40.28 -1.15
N SER A 501 4.25 -41.40 -1.16
CA SER A 501 4.74 -42.68 -1.74
C SER A 501 4.98 -42.56 -3.25
N ILE A 502 4.35 -41.61 -3.95
CA ILE A 502 4.44 -41.39 -5.43
C ILE A 502 5.24 -40.12 -5.74
N TYR A 503 5.10 -39.08 -4.92
CA TYR A 503 5.66 -37.73 -5.18
C TYR A 503 7.11 -37.88 -5.60
N SER A 504 7.45 -37.53 -6.85
CA SER A 504 8.78 -37.64 -7.48
C SER A 504 8.96 -36.47 -8.42
N PRO A 505 9.25 -35.26 -7.87
CA PRO A 505 9.10 -34.03 -8.64
C PRO A 505 10.20 -33.77 -9.66
N ASP A 506 9.80 -33.20 -10.78
CA ASP A 506 10.69 -32.43 -11.68
C ASP A 506 10.47 -30.95 -11.35
N PHE A 507 11.46 -30.33 -10.72
CA PHE A 507 11.41 -28.95 -10.18
C PHE A 507 11.33 -27.92 -11.31
N SER A 508 11.56 -28.28 -12.58
CA SER A 508 11.38 -27.32 -13.69
C SER A 508 10.04 -27.55 -14.41
N PHE A 509 9.25 -28.55 -14.00
CA PHE A 509 7.97 -28.88 -14.71
C PHE A 509 6.80 -28.01 -14.20
N SER A 510 5.87 -27.69 -15.10
CA SER A 510 4.59 -27.01 -14.78
CA SER A 510 4.58 -27.01 -14.79
C SER A 510 3.49 -28.06 -14.55
N TYR A 511 3.30 -28.46 -13.28
CA TYR A 511 2.26 -29.46 -12.88
C TYR A 511 0.87 -28.81 -12.92
N PHE A 512 0.82 -27.50 -12.70
CA PHE A 512 -0.42 -26.70 -12.78
C PHE A 512 -0.13 -25.38 -13.45
N THR A 513 -1.13 -24.84 -14.14
CA THR A 513 -1.17 -23.42 -14.56
C THR A 513 -2.18 -22.71 -13.65
N LEU A 514 -1.91 -21.47 -13.30
CA LEU A 514 -2.84 -20.64 -12.50
C LEU A 514 -3.92 -20.09 -13.43
N ASP A 515 -5.15 -20.03 -12.96
CA ASP A 515 -6.26 -19.33 -13.63
C ASP A 515 -6.61 -18.13 -12.76
N ASP A 516 -6.57 -16.93 -13.31
CA ASP A 516 -6.96 -15.71 -12.57
C ASP A 516 -7.95 -14.95 -13.44
N SER A 517 -9.20 -14.84 -12.99
CA SER A 517 -10.24 -14.11 -13.78
C SER A 517 -10.24 -12.61 -13.42
N ARG A 518 -9.38 -12.14 -12.52
CA ARG A 518 -9.43 -10.69 -12.10
C ARG A 518 -8.14 -9.95 -12.40
N TRP A 519 -7.11 -10.65 -12.83
CA TRP A 519 -5.88 -10.01 -13.32
C TRP A 519 -5.29 -10.84 -14.45
N PRO A 520 -4.99 -10.24 -15.61
CA PRO A 520 -5.29 -8.83 -15.88
C PRO A 520 -6.78 -8.51 -16.09
N GLY A 521 -7.62 -9.55 -16.23
CA GLY A 521 -9.03 -9.42 -16.63
C GLY A 521 -9.18 -9.63 -18.12
N SER A 522 -10.13 -10.47 -18.55
CA SER A 522 -10.23 -11.00 -19.94
C SER A 522 -10.35 -9.85 -20.94
N GLY A 523 -11.02 -8.76 -20.54
CA GLY A 523 -11.21 -7.52 -21.31
C GLY A 523 -9.92 -6.70 -21.47
N VAL A 524 -8.98 -6.82 -20.53
CA VAL A 524 -7.62 -6.21 -20.64
C VAL A 524 -6.72 -7.11 -21.50
N GLU A 525 -6.62 -8.39 -21.16
CA GLU A 525 -5.79 -9.36 -21.92
C GLU A 525 -6.54 -10.70 -21.96
N ASP A 526 -6.91 -11.14 -23.15
CA ASP A 526 -7.64 -12.40 -23.36
C ASP A 526 -6.65 -13.56 -23.25
N SER A 527 -6.25 -13.91 -22.03
CA SER A 527 -5.14 -14.86 -21.79
C SER A 527 -5.55 -16.09 -20.96
N ARG A 528 -6.77 -16.14 -20.40
CA ARG A 528 -7.20 -17.32 -19.59
C ARG A 528 -7.15 -18.57 -20.48
N THR A 529 -6.63 -19.69 -19.97
CA THR A 529 -6.54 -20.95 -20.74
C THR A 529 -7.92 -21.63 -20.74
N THR A 530 -8.38 -22.15 -21.87
CA THR A 530 -9.61 -23.00 -21.91
C THR A 530 -9.25 -24.42 -21.53
N ILE A 531 -9.98 -25.03 -20.62
CA ILE A 531 -9.90 -26.49 -20.39
C ILE A 531 -10.66 -27.17 -21.54
N ILE A 532 -9.91 -27.85 -22.41
CA ILE A 532 -10.48 -28.55 -23.60
C ILE A 532 -10.81 -29.97 -23.15
N LEU A 533 -12.10 -30.27 -23.01
CA LEU A 533 -12.61 -31.62 -22.69
C LEU A 533 -13.23 -32.25 -23.94
N GLY A 534 -13.31 -33.59 -23.93
CA GLY A 534 -13.95 -34.44 -24.96
C GLY A 534 -13.72 -35.92 -24.65
N GLU A 535 -14.69 -36.78 -25.02
CA GLU A 535 -14.70 -38.24 -24.72
C GLU A 535 -13.44 -38.92 -25.28
N ASP A 536 -13.01 -38.57 -26.49
CA ASP A 536 -11.80 -39.17 -27.13
C ASP A 536 -10.54 -38.59 -26.46
N ILE A 537 -10.46 -37.27 -26.37
CA ILE A 537 -9.18 -36.51 -26.16
C ILE A 537 -8.86 -36.46 -24.66
N LEU A 538 -9.85 -36.15 -23.81
CA LEU A 538 -9.66 -35.88 -22.35
C LEU A 538 -11.00 -35.63 -21.68
N PRO A 539 -11.64 -36.65 -21.06
CA PRO A 539 -13.00 -36.46 -20.57
C PRO A 539 -13.08 -35.60 -19.30
N SER A 540 -12.02 -35.54 -18.48
CA SER A 540 -12.07 -34.84 -17.16
C SER A 540 -10.77 -34.07 -16.87
N LYS A 541 -10.85 -33.13 -15.95
CA LYS A 541 -9.73 -32.24 -15.57
C LYS A 541 -9.81 -31.95 -14.07
N HIS A 542 -8.73 -32.20 -13.35
CA HIS A 542 -8.56 -31.79 -11.92
C HIS A 542 -8.28 -30.29 -11.83
N VAL A 543 -9.03 -29.58 -11.01
CA VAL A 543 -8.72 -28.17 -10.63
C VAL A 543 -8.58 -28.15 -9.10
N VAL A 544 -7.75 -27.24 -8.58
CA VAL A 544 -7.43 -27.12 -7.13
C VAL A 544 -7.60 -25.65 -6.72
N MET A 545 -8.30 -25.40 -5.63
CA MET A 545 -8.41 -24.06 -5.00
C MET A 545 -7.56 -24.04 -3.72
N HIS A 546 -6.82 -22.95 -3.54
CA HIS A 546 -6.05 -22.62 -2.33
C HIS A 546 -6.74 -21.49 -1.60
N ASN A 547 -6.78 -21.56 -0.28
CA ASN A 547 -7.37 -20.50 0.57
C ASN A 547 -6.28 -20.03 1.53
N THR A 548 -5.69 -18.87 1.30
CA THR A 548 -4.58 -18.37 2.15
C THR A 548 -5.12 -17.91 3.52
N LEU A 549 -6.42 -17.69 3.66
CA LEU A 549 -6.95 -17.18 4.94
C LEU A 549 -7.10 -18.32 5.95
N PRO A 550 -6.91 -18.05 7.25
CA PRO A 550 -7.01 -19.09 8.26
C PRO A 550 -8.44 -19.35 8.76
N HIS A 551 -9.41 -19.47 7.85
CA HIS A 551 -10.78 -19.95 8.16
C HIS A 551 -11.40 -20.62 6.94
N TRP A 552 -12.34 -21.55 7.19
CA TRP A 552 -13.14 -22.23 6.13
C TRP A 552 -13.73 -21.14 5.24
N ARG A 553 -13.58 -21.32 3.94
CA ARG A 553 -14.16 -20.37 2.96
C ARG A 553 -14.83 -21.14 1.81
N GLU A 554 -16.02 -20.67 1.45
CA GLU A 554 -16.81 -21.02 0.24
C GLU A 554 -16.80 -19.77 -0.63
N GLN A 555 -16.38 -19.92 -1.87
CA GLN A 555 -16.36 -18.80 -2.86
C GLN A 555 -16.78 -19.45 -4.17
N LEU A 556 -17.62 -18.78 -4.95
CA LEU A 556 -17.80 -19.17 -6.36
C LEU A 556 -16.45 -19.00 -7.06
N VAL A 557 -16.07 -20.00 -7.85
CA VAL A 557 -14.90 -19.97 -8.78
C VAL A 557 -15.44 -20.27 -10.17
N ASP A 558 -14.73 -19.78 -11.18
CA ASP A 558 -15.08 -20.06 -12.59
C ASP A 558 -13.84 -20.58 -13.33
N PHE A 559 -14.09 -21.32 -14.39
CA PHE A 559 -13.07 -21.75 -15.39
C PHE A 559 -13.66 -21.64 -16.78
N TYR A 560 -12.83 -21.36 -17.78
CA TYR A 560 -13.15 -21.55 -19.21
C TYR A 560 -13.11 -23.03 -19.54
N VAL A 561 -14.20 -23.54 -20.13
CA VAL A 561 -14.32 -24.93 -20.68
C VAL A 561 -14.81 -24.90 -22.15
N SER A 562 -14.42 -25.93 -22.90
CA SER A 562 -14.59 -26.08 -24.37
C SER A 562 -16.02 -26.51 -24.70
N SER A 563 -16.81 -26.94 -23.70
CA SER A 563 -18.22 -27.37 -23.88
C SER A 563 -19.08 -26.83 -22.74
N PRO A 564 -20.38 -26.57 -22.99
CA PRO A 564 -21.32 -26.24 -21.90
C PRO A 564 -21.77 -27.47 -21.13
N PHE A 565 -21.53 -28.69 -21.61
CA PHE A 565 -22.02 -29.95 -20.99
C PHE A 565 -20.94 -30.48 -20.03
N VAL A 566 -20.74 -29.75 -18.94
CA VAL A 566 -19.70 -30.04 -17.92
C VAL A 566 -20.37 -30.12 -16.57
N SER A 567 -20.01 -31.14 -15.78
CA SER A 567 -20.49 -31.30 -14.39
C SER A 567 -19.27 -31.34 -13.46
N VAL A 568 -19.50 -30.91 -12.23
CA VAL A 568 -18.44 -30.75 -11.21
C VAL A 568 -18.67 -31.80 -10.11
N THR A 569 -17.59 -32.45 -9.70
CA THR A 569 -17.53 -33.37 -8.54
C THR A 569 -16.31 -32.99 -7.68
N ASP A 570 -16.30 -33.37 -6.41
CA ASP A 570 -15.05 -33.46 -5.62
C ASP A 570 -14.35 -34.73 -6.10
N LEU A 571 -13.15 -34.97 -5.61
CA LEU A 571 -12.37 -36.18 -5.98
C LEU A 571 -13.10 -37.43 -5.45
N ALA A 572 -14.02 -37.28 -4.47
CA ALA A 572 -14.84 -38.39 -3.89
C ALA A 572 -16.07 -38.67 -4.79
N ASN A 573 -16.23 -37.89 -5.86
CA ASN A 573 -17.29 -38.03 -6.89
C ASN A 573 -18.64 -37.57 -6.35
N ASN A 574 -18.66 -36.75 -5.29
CA ASN A 574 -19.89 -36.08 -4.80
C ASN A 574 -20.25 -35.00 -5.81
N PRO A 575 -21.52 -34.96 -6.27
CA PRO A 575 -21.92 -33.94 -7.24
C PRO A 575 -21.78 -32.55 -6.60
N VAL A 576 -21.42 -31.55 -7.41
CA VAL A 576 -21.39 -30.12 -6.96
C VAL A 576 -22.25 -29.32 -7.93
N GLU A 577 -23.17 -28.54 -7.39
CA GLU A 577 -24.04 -27.68 -8.18
C GLU A 577 -23.16 -26.65 -8.88
N ALA A 578 -23.41 -26.48 -10.16
CA ALA A 578 -22.65 -25.60 -11.06
C ALA A 578 -23.62 -24.84 -11.94
N GLN A 579 -23.12 -23.73 -12.49
CA GLN A 579 -23.79 -22.91 -13.52
C GLN A 579 -22.82 -22.73 -14.67
N VAL A 580 -23.35 -22.74 -15.89
CA VAL A 580 -22.60 -22.42 -17.12
C VAL A 580 -23.14 -21.10 -17.70
N SER A 581 -22.25 -20.14 -17.90
CA SER A 581 -22.53 -18.82 -18.52
C SER A 581 -21.72 -18.75 -19.80
N PRO A 582 -22.17 -17.94 -20.78
CA PRO A 582 -21.35 -17.70 -21.97
C PRO A 582 -20.13 -16.83 -21.59
N VAL A 583 -19.10 -16.90 -22.44
CA VAL A 583 -17.94 -15.97 -22.43
C VAL A 583 -18.28 -14.79 -23.34
N TRP A 584 -18.47 -13.61 -22.74
CA TRP A 584 -18.72 -12.33 -23.41
C TRP A 584 -17.43 -11.49 -23.48
N SER A 585 -17.20 -10.77 -24.57
CA SER A 585 -16.22 -9.67 -24.67
C SER A 585 -16.89 -8.46 -25.30
N TRP A 586 -16.30 -7.27 -25.14
CA TRP A 586 -16.88 -5.98 -25.63
C TRP A 586 -15.97 -5.39 -26.70
N HIS A 587 -16.55 -4.79 -27.75
CA HIS A 587 -15.83 -4.34 -28.97
C HIS A 587 -16.34 -2.96 -29.42
N HIS A 588 -15.65 -2.37 -30.41
CA HIS A 588 -15.99 -1.08 -31.09
C HIS A 588 -16.39 -1.36 -32.54
N THR A 594 -19.51 2.62 -31.90
CA THR A 594 -19.89 2.51 -30.46
C THR A 594 -19.64 1.06 -29.99
N ILE A 595 -20.19 0.68 -28.82
CA ILE A 595 -19.62 -0.38 -27.94
C ILE A 595 -20.64 -1.48 -27.67
N HIS A 596 -20.38 -2.68 -28.20
CA HIS A 596 -21.33 -3.84 -28.27
C HIS A 596 -20.66 -5.12 -27.75
N PRO A 597 -21.41 -6.02 -27.07
CA PRO A 597 -20.89 -7.33 -26.70
C PRO A 597 -20.86 -8.35 -27.86
N GLN A 598 -20.00 -9.35 -27.72
CA GLN A 598 -19.90 -10.56 -28.58
C GLN A 598 -19.72 -11.78 -27.67
N GLY A 599 -20.48 -12.85 -27.95
CA GLY A 599 -20.39 -14.13 -27.23
C GLY A 599 -19.40 -15.06 -27.92
N SER A 600 -18.73 -15.94 -27.16
CA SER A 600 -17.91 -17.04 -27.74
C SER A 600 -18.87 -18.14 -28.21
N THR A 601 -18.56 -18.76 -29.34
CA THR A 601 -19.25 -19.97 -29.81
C THR A 601 -18.43 -21.20 -29.41
N THR A 602 -17.25 -21.06 -28.80
CA THR A 602 -16.33 -22.21 -28.57
C THR A 602 -15.89 -22.37 -27.11
N LYS A 603 -16.10 -21.39 -26.23
CA LYS A 603 -15.75 -21.56 -24.80
C LYS A 603 -16.83 -20.93 -23.92
N TYR A 604 -16.94 -21.45 -22.70
CA TYR A 604 -18.01 -21.20 -21.72
C TYR A 604 -17.36 -21.06 -20.35
N ARG A 605 -18.08 -20.46 -19.40
CA ARG A 605 -17.67 -20.37 -17.99
C ARG A 605 -18.48 -21.39 -17.20
N ILE A 606 -17.77 -22.31 -16.55
CA ILE A 606 -18.36 -23.21 -15.52
C ILE A 606 -18.08 -22.51 -14.18
N ILE A 607 -19.13 -22.36 -13.37
CA ILE A 607 -19.12 -21.65 -12.06
C ILE A 607 -19.64 -22.61 -10.99
N PHE A 608 -18.95 -22.69 -9.86
CA PHE A 608 -19.36 -23.54 -8.72
C PHE A 608 -18.73 -23.01 -7.43
N LYS A 609 -19.24 -23.50 -6.30
CA LYS A 609 -18.84 -23.03 -4.96
C LYS A 609 -17.70 -23.94 -4.52
N ALA A 610 -16.47 -23.43 -4.44
CA ALA A 610 -15.38 -24.22 -3.82
C ALA A 610 -15.50 -24.03 -2.31
N ARG A 611 -15.37 -25.12 -1.55
CA ARG A 611 -15.19 -25.13 -0.09
C ARG A 611 -13.74 -25.50 0.22
N VAL A 612 -12.99 -24.60 0.85
CA VAL A 612 -11.54 -24.78 1.00
C VAL A 612 -11.19 -24.63 2.46
N PRO A 613 -10.39 -25.55 3.05
CA PRO A 613 -10.00 -25.47 4.45
C PRO A 613 -9.19 -24.21 4.78
N PRO A 614 -9.02 -23.90 6.07
CA PRO A 614 -8.17 -22.79 6.51
C PRO A 614 -6.75 -23.04 6.02
N MET A 615 -6.17 -22.03 5.35
CA MET A 615 -4.79 -22.12 4.82
C MET A 615 -4.62 -23.45 4.08
N GLY A 616 -5.61 -23.83 3.26
CA GLY A 616 -5.70 -25.19 2.71
C GLY A 616 -6.02 -25.26 1.23
N LEU A 617 -6.14 -26.49 0.72
CA LEU A 617 -6.40 -26.83 -0.70
C LEU A 617 -7.59 -27.78 -0.80
N ALA A 618 -8.39 -27.61 -1.86
CA ALA A 618 -9.50 -28.52 -2.23
C ALA A 618 -9.39 -28.87 -3.70
N THR A 619 -9.52 -30.17 -4.01
CA THR A 619 -9.52 -30.69 -5.40
C THR A 619 -10.94 -30.89 -5.90
N TYR A 620 -11.27 -30.34 -7.08
CA TYR A 620 -12.50 -30.66 -7.82
C TYR A 620 -12.18 -31.23 -9.21
N VAL A 621 -13.20 -31.81 -9.86
CA VAL A 621 -13.08 -32.51 -11.16
C VAL A 621 -14.16 -31.95 -12.09
N LEU A 622 -13.76 -31.52 -13.28
CA LEU A 622 -14.69 -31.07 -14.34
C LEU A 622 -14.76 -32.21 -15.35
N THR A 623 -15.96 -32.73 -15.62
CA THR A 623 -16.21 -33.84 -16.58
C THR A 623 -17.23 -33.44 -17.65
N ILE A 624 -16.89 -33.72 -18.90
CA ILE A 624 -17.78 -33.51 -20.08
C ILE A 624 -18.83 -34.62 -20.13
N SER A 625 -19.96 -34.35 -20.78
CA SER A 625 -20.99 -35.37 -21.10
C SER A 625 -21.63 -35.05 -22.46
N ASP A 626 -22.46 -35.98 -22.94
CA ASP A 626 -23.34 -35.91 -24.15
C ASP A 626 -24.15 -34.62 -24.15
N SER A 627 -24.89 -34.39 -23.07
CA SER A 627 -26.00 -33.42 -22.95
C SER A 627 -25.97 -32.76 -21.57
N LYS A 628 -26.95 -31.87 -21.32
CA LYS A 628 -27.21 -31.22 -20.01
C LYS A 628 -26.95 -32.19 -18.87
N PRO A 629 -25.93 -31.94 -18.02
CA PRO A 629 -25.74 -32.66 -16.77
C PRO A 629 -26.88 -32.49 -15.77
N GLU A 630 -26.98 -33.38 -14.79
CA GLU A 630 -28.03 -33.34 -13.72
C GLU A 630 -27.87 -32.06 -12.86
N HIS A 631 -26.65 -31.72 -12.43
CA HIS A 631 -26.41 -30.68 -11.39
C HIS A 631 -25.89 -29.37 -11.97
N THR A 632 -25.94 -29.18 -13.30
CA THR A 632 -25.41 -27.96 -13.97
C THR A 632 -26.57 -27.19 -14.60
N SER A 633 -26.82 -25.98 -14.10
CA SER A 633 -27.86 -25.06 -14.63
C SER A 633 -27.21 -24.13 -15.66
N TYR A 634 -28.03 -23.46 -16.48
CA TYR A 634 -27.59 -22.57 -17.58
C TYR A 634 -28.24 -21.19 -17.39
N ALA A 635 -27.46 -20.13 -17.59
CA ALA A 635 -27.93 -18.75 -17.42
C ALA A 635 -28.67 -18.30 -18.69
N SER A 636 -29.72 -17.48 -18.52
CA SER A 636 -30.35 -16.69 -19.61
C SER A 636 -29.47 -15.48 -19.91
N ASN A 637 -29.57 -14.94 -21.12
CA ASN A 637 -28.77 -13.78 -21.60
C ASN A 637 -29.68 -12.81 -22.36
N LEU A 638 -30.04 -11.72 -21.69
CA LEU A 638 -30.87 -10.60 -22.24
C LEU A 638 -29.93 -9.50 -22.73
N LEU A 639 -30.05 -9.12 -24.00
CA LEU A 639 -29.23 -8.03 -24.61
C LEU A 639 -30.12 -6.81 -24.93
N LEU A 640 -30.38 -5.95 -23.93
CA LEU A 640 -31.20 -4.72 -24.08
C LEU A 640 -30.47 -3.74 -25.01
N ARG A 641 -31.14 -3.39 -26.13
CA ARG A 641 -30.59 -2.65 -27.30
C ARG A 641 -31.77 -2.37 -28.24
N LYS A 642 -31.61 -1.38 -29.14
CA LYS A 642 -32.69 -0.80 -29.98
C LYS A 642 -32.95 -1.70 -31.21
N ASN A 643 -31.92 -2.09 -31.97
CA ASN A 643 -32.09 -2.88 -33.24
C ASN A 643 -31.49 -4.28 -33.14
N PRO A 644 -31.96 -5.16 -32.23
CA PRO A 644 -31.42 -6.53 -32.14
C PRO A 644 -31.08 -7.18 -33.49
N LEU A 647 -27.10 -13.06 -32.16
CA LEU A 647 -25.84 -13.53 -31.52
C LEU A 647 -25.91 -15.04 -31.25
N PRO A 648 -25.17 -15.89 -32.02
CA PRO A 648 -25.05 -17.31 -31.69
C PRO A 648 -24.17 -17.50 -30.44
N LEU A 649 -24.25 -18.68 -29.81
CA LEU A 649 -23.37 -19.10 -28.67
C LEU A 649 -23.00 -20.59 -28.82
N GLY A 650 -22.73 -21.04 -30.06
CA GLY A 650 -22.37 -22.44 -30.38
C GLY A 650 -23.29 -23.41 -29.67
N GLN A 651 -22.73 -24.38 -28.93
CA GLN A 651 -23.47 -25.45 -28.21
C GLN A 651 -24.31 -24.93 -27.02
N TYR A 652 -24.22 -23.64 -26.65
CA TYR A 652 -24.89 -23.08 -25.44
C TYR A 652 -26.40 -23.28 -25.55
N PRO A 653 -27.01 -24.05 -24.61
CA PRO A 653 -28.37 -24.55 -24.80
C PRO A 653 -29.52 -23.51 -24.76
N GLU A 654 -29.27 -22.27 -24.31
CA GLU A 654 -30.33 -21.24 -24.15
C GLU A 654 -30.00 -20.07 -25.06
N ASP A 655 -30.89 -19.75 -26.01
CA ASP A 655 -30.69 -18.68 -27.04
C ASP A 655 -30.70 -17.30 -26.37
N VAL A 656 -29.85 -16.40 -26.84
CA VAL A 656 -29.81 -14.97 -26.39
C VAL A 656 -31.20 -14.38 -26.65
N LYS A 657 -31.87 -13.89 -25.59
CA LYS A 657 -33.13 -13.12 -25.69
C LYS A 657 -32.79 -11.63 -25.90
N PHE A 658 -33.71 -10.87 -26.50
CA PHE A 658 -33.53 -9.43 -26.87
C PHE A 658 -34.71 -8.59 -26.41
N GLY A 659 -34.46 -7.30 -26.20
CA GLY A 659 -35.40 -6.31 -25.66
C GLY A 659 -34.93 -4.90 -25.96
N ASP A 660 -35.74 -3.89 -25.59
CA ASP A 660 -35.35 -2.46 -25.64
C ASP A 660 -34.91 -2.05 -24.24
N PRO A 661 -34.05 -1.01 -24.12
CA PRO A 661 -33.61 -0.55 -22.81
C PRO A 661 -34.79 -0.47 -21.82
N ARG A 662 -34.58 -0.86 -20.56
CA ARG A 662 -35.60 -0.76 -19.49
C ARG A 662 -34.98 -1.05 -18.12
N GLU A 663 -35.76 -0.78 -17.07
CA GLU A 663 -35.40 -0.99 -15.65
C GLU A 663 -35.58 -2.49 -15.32
N ILE A 664 -34.57 -3.10 -14.71
CA ILE A 664 -34.56 -4.55 -14.39
C ILE A 664 -34.21 -4.69 -12.91
N SER A 665 -34.42 -5.87 -12.35
CA SER A 665 -34.28 -6.13 -10.90
CA SER A 665 -34.25 -6.13 -10.90
C SER A 665 -33.90 -7.61 -10.69
N LEU A 666 -32.73 -7.88 -10.10
CA LEU A 666 -32.25 -9.27 -9.91
C LEU A 666 -32.05 -9.55 -8.43
N ARG A 667 -32.35 -10.78 -8.02
CA ARG A 667 -31.92 -11.35 -6.73
C ARG A 667 -31.16 -12.64 -7.04
N VAL A 668 -30.08 -12.91 -6.30
CA VAL A 668 -29.40 -14.23 -6.30
C VAL A 668 -29.45 -14.77 -4.87
N GLY A 669 -29.79 -16.04 -4.70
CA GLY A 669 -29.91 -16.67 -3.36
C GLY A 669 -30.85 -15.86 -2.47
N ASN A 670 -30.68 -15.91 -1.14
CA ASN A 670 -31.51 -15.12 -0.18
C ASN A 670 -30.92 -13.71 0.02
N GLY A 671 -29.88 -13.35 -0.74
CA GLY A 671 -29.11 -12.10 -0.57
C GLY A 671 -29.84 -10.94 -1.22
N PRO A 672 -29.21 -9.75 -1.36
CA PRO A 672 -29.94 -8.52 -1.63
C PRO A 672 -30.61 -8.60 -3.00
N THR A 673 -31.71 -7.88 -3.15
CA THR A 673 -32.39 -7.63 -4.44
C THR A 673 -31.90 -6.27 -4.93
N LEU A 674 -31.60 -6.16 -6.21
CA LEU A 674 -30.94 -4.96 -6.76
C LEU A 674 -31.77 -4.46 -7.92
N ALA A 675 -32.07 -3.16 -7.96
CA ALA A 675 -32.74 -2.48 -9.08
C ALA A 675 -31.69 -1.70 -9.88
N PHE A 676 -31.77 -1.79 -11.20
CA PHE A 676 -30.84 -1.14 -12.16
C PHE A 676 -31.64 -0.22 -13.08
N SER A 677 -31.05 0.93 -13.42
CA SER A 677 -31.64 1.93 -14.33
C SER A 677 -31.77 1.32 -15.73
N GLU A 678 -32.37 2.10 -16.63
CA GLU A 678 -32.47 1.90 -18.11
C GLU A 678 -31.08 1.77 -18.74
N GLN A 679 -30.06 2.38 -18.12
CA GLN A 679 -28.70 2.56 -18.70
C GLN A 679 -27.73 1.53 -18.12
N GLY A 680 -28.19 0.68 -17.22
CA GLY A 680 -27.46 -0.50 -16.73
C GLY A 680 -26.66 -0.20 -15.48
N LEU A 681 -27.05 0.85 -14.75
CA LEU A 681 -26.37 1.32 -13.51
C LEU A 681 -27.33 1.19 -12.35
N LEU A 682 -26.82 0.75 -11.21
CA LEU A 682 -27.57 0.53 -9.96
C LEU A 682 -28.36 1.79 -9.64
N LYS A 683 -29.61 1.63 -9.20
CA LYS A 683 -30.44 2.76 -8.68
C LYS A 683 -31.01 2.43 -7.30
N SER A 684 -31.06 1.15 -6.89
CA SER A 684 -31.63 0.73 -5.58
C SER A 684 -31.17 -0.67 -5.17
N ILE A 685 -31.00 -0.84 -3.86
CA ILE A 685 -30.72 -2.12 -3.17
C ILE A 685 -31.81 -2.34 -2.11
N GLN A 686 -32.33 -3.57 -2.03
CA GLN A 686 -33.19 -4.04 -0.91
C GLN A 686 -32.51 -5.22 -0.22
N LEU A 687 -32.29 -5.11 1.09
CA LEU A 687 -31.48 -6.05 1.90
C LEU A 687 -32.21 -7.40 2.11
N THR A 688 -33.34 -7.41 2.82
CA THR A 688 -34.19 -8.60 3.12
C THR A 688 -35.57 -8.44 2.47
N GLN A 689 -36.30 -9.53 2.30
CA GLN A 689 -37.63 -9.56 1.61
C GLN A 689 -38.56 -8.46 2.14
N ASP A 690 -38.61 -8.26 3.47
CA ASP A 690 -39.48 -7.26 4.16
C ASP A 690 -38.73 -5.93 4.44
N SER A 691 -37.67 -5.61 3.65
CA SER A 691 -36.85 -4.37 3.69
C SER A 691 -37.40 -3.32 2.73
N PRO A 692 -37.20 -2.00 3.02
CA PRO A 692 -37.37 -0.97 2.01
C PRO A 692 -36.34 -1.05 0.87
N HIS A 693 -36.74 -0.61 -0.34
CA HIS A 693 -35.85 -0.42 -1.52
C HIS A 693 -35.07 0.90 -1.33
N VAL A 694 -33.89 0.83 -0.71
CA VAL A 694 -33.00 2.00 -0.37
C VAL A 694 -32.30 2.47 -1.65
N PRO A 695 -32.40 3.75 -2.05
CA PRO A 695 -31.82 4.20 -3.31
C PRO A 695 -30.29 4.33 -3.20
N VAL A 696 -29.58 4.03 -4.30
CA VAL A 696 -28.09 3.98 -4.42
C VAL A 696 -27.76 4.09 -5.90
N HIS A 697 -27.44 5.29 -6.39
CA HIS A 697 -27.32 5.59 -7.84
C HIS A 697 -25.84 5.68 -8.21
N PHE A 698 -25.33 4.68 -8.93
CA PHE A 698 -24.02 4.77 -9.62
C PHE A 698 -24.16 5.78 -10.76
N LYS A 699 -23.14 6.61 -10.94
CA LYS A 699 -23.08 7.74 -11.91
C LYS A 699 -21.60 8.00 -12.24
N PHE A 700 -21.24 8.11 -13.52
CA PHE A 700 -19.87 8.44 -13.96
C PHE A 700 -19.82 9.93 -14.33
N LEU A 701 -19.01 10.71 -13.59
CA LEU A 701 -18.70 12.12 -13.93
C LEU A 701 -17.25 12.25 -14.43
N LYS A 702 -16.88 13.46 -14.88
CA LYS A 702 -15.51 13.81 -15.30
C LYS A 702 -15.11 15.14 -14.65
N TYR A 703 -13.83 15.23 -14.24
CA TYR A 703 -13.14 16.49 -13.87
C TYR A 703 -12.22 16.86 -15.04
N GLY A 704 -11.97 18.17 -15.20
CA GLY A 704 -11.06 18.71 -16.23
C GLY A 704 -9.84 19.40 -15.61
N VAL A 705 -9.05 20.05 -16.45
CA VAL A 705 -7.76 20.74 -16.14
C VAL A 705 -7.94 22.25 -16.36
N ARG A 706 -7.42 23.06 -15.45
CA ARG A 706 -7.41 24.55 -15.56
C ARG A 706 -6.64 24.99 -16.79
N SER A 707 -7.26 25.87 -17.58
CA SER A 707 -6.66 26.57 -18.73
C SER A 707 -5.78 27.70 -18.20
N HIS A 708 -6.19 28.34 -17.10
CA HIS A 708 -5.44 29.47 -16.47
C HIS A 708 -4.94 29.03 -15.09
N GLY A 709 -3.68 29.34 -14.78
CA GLY A 709 -3.07 28.95 -13.49
C GLY A 709 -2.61 27.49 -13.50
N ASP A 710 -2.58 26.85 -12.34
CA ASP A 710 -1.77 25.62 -12.13
C ASP A 710 -2.46 24.41 -12.79
N ARG A 711 -1.67 23.59 -13.49
CA ARG A 711 -2.10 22.34 -14.18
C ARG A 711 -1.95 21.11 -13.29
N SER A 712 -3.01 20.33 -13.15
CA SER A 712 -2.96 18.90 -12.71
C SER A 712 -1.86 18.17 -13.47
N GLY A 713 -1.16 17.26 -12.79
CA GLY A 713 -0.13 16.39 -13.38
C GLY A 713 -0.11 15.07 -12.61
N ALA A 714 0.97 14.29 -12.69
CA ALA A 714 1.08 12.98 -11.99
C ALA A 714 0.85 13.16 -10.47
N TYR A 715 1.34 14.27 -9.89
CA TYR A 715 1.21 14.55 -8.44
C TYR A 715 -0.09 15.29 -8.10
N LEU A 716 -0.35 16.43 -8.76
CA LEU A 716 -1.36 17.42 -8.27
C LEU A 716 -2.73 17.15 -8.88
N PHE A 717 -3.78 17.34 -8.08
CA PHE A 717 -5.20 17.35 -8.55
C PHE A 717 -5.70 18.80 -8.44
N LEU A 718 -5.79 19.48 -9.59
CA LEU A 718 -6.18 20.91 -9.71
C LEU A 718 -7.40 20.99 -10.66
N PRO A 719 -8.59 20.50 -10.22
CA PRO A 719 -9.78 20.45 -11.08
C PRO A 719 -10.27 21.85 -11.49
N ASN A 720 -10.68 22.04 -12.75
CA ASN A 720 -11.34 23.31 -13.17
C ASN A 720 -12.83 23.26 -12.80
N GLY A 721 -13.13 23.15 -11.50
CA GLY A 721 -14.49 23.14 -10.92
C GLY A 721 -15.02 21.73 -10.67
N PRO A 722 -16.24 21.60 -10.06
CA PRO A 722 -16.84 20.30 -9.77
C PRO A 722 -17.06 19.44 -11.02
N ALA A 723 -17.20 18.13 -10.83
CA ALA A 723 -17.33 17.17 -11.94
C ALA A 723 -18.71 17.33 -12.59
N SER A 724 -18.74 17.11 -13.91
CA SER A 724 -19.96 17.13 -14.78
C SER A 724 -20.22 15.75 -15.38
N PRO A 725 -21.50 15.28 -15.36
CA PRO A 725 -21.86 13.95 -15.88
C PRO A 725 -21.25 13.59 -17.25
N VAL A 726 -20.86 12.32 -17.42
CA VAL A 726 -20.40 11.74 -18.71
C VAL A 726 -21.62 11.56 -19.61
N GLU A 727 -21.40 11.66 -20.93
CA GLU A 727 -22.39 11.52 -22.02
C GLU A 727 -22.69 10.02 -22.26
N LEU A 728 -23.72 9.50 -21.60
CA LEU A 728 -24.02 8.04 -21.52
C LEU A 728 -24.64 7.52 -22.84
N GLY A 729 -25.37 8.36 -23.60
CA GLY A 729 -26.07 7.97 -24.85
C GLY A 729 -27.16 6.92 -24.60
N GLN A 730 -27.34 5.98 -25.54
CA GLN A 730 -28.17 4.75 -25.34
C GLN A 730 -27.21 3.57 -25.40
N PRO A 731 -26.61 3.17 -24.27
CA PRO A 731 -25.58 2.14 -24.27
C PRO A 731 -26.20 0.75 -24.36
N VAL A 732 -25.53 -0.22 -24.99
CA VAL A 732 -25.93 -1.65 -25.02
C VAL A 732 -25.79 -2.23 -23.61
N VAL A 733 -26.85 -2.88 -23.10
CA VAL A 733 -26.90 -3.45 -21.73
C VAL A 733 -27.08 -4.97 -21.84
N LEU A 734 -26.20 -5.73 -21.17
CA LEU A 734 -26.22 -7.21 -21.08
C LEU A 734 -26.62 -7.63 -19.66
N VAL A 735 -27.65 -8.45 -19.59
CA VAL A 735 -28.18 -9.04 -18.33
C VAL A 735 -27.97 -10.55 -18.45
N THR A 736 -27.16 -11.11 -17.55
CA THR A 736 -26.96 -12.57 -17.41
C THR A 736 -27.59 -12.99 -16.08
N LYS A 737 -28.46 -13.99 -16.09
CA LYS A 737 -29.27 -14.35 -14.91
C LYS A 737 -29.09 -15.85 -14.68
N GLY A 738 -28.60 -16.22 -13.50
CA GLY A 738 -28.36 -17.62 -13.14
C GLY A 738 -28.66 -17.90 -11.68
N LYS A 739 -28.81 -19.17 -11.34
CA LYS A 739 -29.04 -19.65 -9.96
C LYS A 739 -27.89 -19.21 -9.05
N LEU A 740 -26.62 -19.29 -9.49
CA LEU A 740 -25.46 -19.06 -8.58
C LEU A 740 -24.94 -17.63 -8.73
N GLU A 741 -24.90 -17.13 -9.96
CA GLU A 741 -24.31 -15.81 -10.30
C GLU A 741 -25.10 -15.13 -11.42
N SER A 742 -25.42 -13.84 -11.23
CA SER A 742 -26.05 -12.97 -12.25
C SER A 742 -25.23 -11.68 -12.41
N SER A 743 -25.42 -10.96 -13.50
CA SER A 743 -24.54 -9.84 -13.90
C SER A 743 -25.29 -8.87 -14.82
N VAL A 744 -25.11 -7.56 -14.63
CA VAL A 744 -25.51 -6.47 -15.56
C VAL A 744 -24.24 -5.73 -16.05
N SER A 745 -23.92 -5.82 -17.34
CA SER A 745 -22.78 -5.15 -17.97
C SER A 745 -23.32 -4.10 -18.92
N VAL A 746 -22.60 -3.00 -19.10
CA VAL A 746 -22.92 -1.96 -20.12
C VAL A 746 -21.63 -1.32 -20.64
N GLY A 747 -21.62 -1.01 -21.94
CA GLY A 747 -20.48 -0.44 -22.66
C GLY A 747 -20.59 1.08 -22.76
N LEU A 748 -20.36 1.77 -21.65
CA LEU A 748 -20.35 3.27 -21.56
C LEU A 748 -19.05 3.77 -22.18
N PRO A 749 -18.95 5.06 -22.56
CA PRO A 749 -17.72 5.55 -23.17
C PRO A 749 -16.62 5.54 -22.08
N SER A 750 -15.46 4.97 -22.43
CA SER A 750 -14.25 4.87 -21.57
C SER A 750 -14.38 3.78 -20.49
N VAL A 751 -15.58 3.27 -20.22
CA VAL A 751 -15.80 2.28 -19.13
C VAL A 751 -16.77 1.19 -19.60
N VAL A 752 -16.34 -0.07 -19.50
CA VAL A 752 -17.29 -1.20 -19.43
C VAL A 752 -17.57 -1.49 -17.96
N HIS A 753 -18.79 -1.17 -17.53
CA HIS A 753 -19.25 -1.17 -16.12
C HIS A 753 -20.03 -2.44 -15.86
N GLN A 754 -19.77 -3.13 -14.74
CA GLN A 754 -20.40 -4.46 -14.47
C GLN A 754 -20.71 -4.60 -12.99
N THR A 755 -21.94 -5.03 -12.70
CA THR A 755 -22.44 -5.42 -11.37
C THR A 755 -22.66 -6.93 -11.40
N ILE A 756 -22.04 -7.63 -10.47
CA ILE A 756 -22.08 -9.12 -10.39
C ILE A 756 -22.73 -9.44 -9.06
N MET A 757 -23.70 -10.34 -9.08
CA MET A 757 -24.41 -10.79 -7.85
CA MET A 757 -24.45 -10.79 -7.88
C MET A 757 -24.19 -12.29 -7.66
N ARG A 758 -23.77 -12.66 -6.45
CA ARG A 758 -23.50 -14.06 -6.07
C ARG A 758 -24.26 -14.38 -4.78
N GLY A 759 -25.13 -13.48 -4.33
CA GLY A 759 -26.00 -13.72 -3.16
C GLY A 759 -25.49 -13.10 -1.87
N GLY A 760 -24.51 -12.19 -1.95
CA GLY A 760 -24.22 -11.28 -0.83
C GLY A 760 -24.03 -9.87 -1.37
N ALA A 761 -23.08 -9.11 -0.81
CA ALA A 761 -22.72 -7.78 -1.33
C ALA A 761 -22.32 -7.93 -2.79
N PRO A 762 -22.86 -7.12 -3.73
CA PRO A 762 -22.44 -7.23 -5.12
C PRO A 762 -20.97 -6.82 -5.36
N GLU A 763 -20.45 -7.26 -6.51
CA GLU A 763 -19.10 -6.91 -7.01
CA GLU A 763 -19.09 -6.90 -7.00
C GLU A 763 -19.25 -6.02 -8.23
N ILE A 764 -18.52 -4.92 -8.25
CA ILE A 764 -18.46 -3.95 -9.37
C ILE A 764 -17.11 -4.15 -10.05
N ARG A 765 -17.14 -4.31 -11.38
CA ARG A 765 -15.94 -4.30 -12.24
C ARG A 765 -16.07 -3.16 -13.25
N ASN A 766 -15.02 -2.34 -13.39
CA ASN A 766 -14.89 -1.32 -14.45
C ASN A 766 -13.68 -1.68 -15.29
N LEU A 767 -13.89 -2.03 -16.56
CA LEU A 767 -12.81 -1.97 -17.59
C LEU A 767 -12.67 -0.51 -18.06
N VAL A 768 -11.63 0.18 -17.59
CA VAL A 768 -11.47 1.65 -17.82
C VAL A 768 -10.43 1.83 -18.93
N ASP A 769 -10.84 2.39 -20.08
CA ASP A 769 -9.95 2.76 -21.20
C ASP A 769 -10.16 4.24 -21.53
N ILE A 770 -9.41 5.12 -20.87
CA ILE A 770 -9.52 6.60 -20.98
C ILE A 770 -9.03 7.02 -22.36
N GLY A 771 -8.42 6.10 -23.12
CA GLY A 771 -8.16 6.25 -24.58
C GLY A 771 -7.29 7.45 -24.87
N SER A 772 -7.80 8.46 -25.61
CA SER A 772 -7.07 9.73 -25.84
C SER A 772 -7.91 10.94 -25.38
N LEU A 773 -8.76 10.76 -24.37
CA LEU A 773 -9.46 11.86 -23.65
C LEU A 773 -8.44 12.70 -22.86
N ASP A 774 -7.58 13.46 -23.54
CA ASP A 774 -6.57 14.34 -22.90
C ASP A 774 -7.27 15.26 -21.87
N ASN A 775 -6.58 15.57 -20.76
CA ASN A 775 -7.03 16.50 -19.67
C ASN A 775 -8.37 16.09 -19.09
N THR A 776 -8.53 14.79 -18.83
CA THR A 776 -9.72 14.22 -18.18
C THR A 776 -9.36 13.32 -17.00
N GLU A 777 -10.15 13.41 -15.94
CA GLU A 777 -10.19 12.46 -14.80
C GLU A 777 -11.62 11.93 -14.72
N ILE A 778 -11.78 10.61 -14.84
CA ILE A 778 -13.10 9.93 -14.80
C ILE A 778 -13.33 9.46 -13.37
N VAL A 779 -14.44 9.88 -12.78
CA VAL A 779 -14.77 9.55 -11.36
C VAL A 779 -16.04 8.71 -11.36
N MET A 780 -16.18 7.81 -10.38
CA MET A 780 -17.40 6.98 -10.19
C MET A 780 -18.01 7.42 -8.86
N ARG A 781 -19.26 7.86 -8.87
CA ARG A 781 -19.91 8.43 -7.65
C ARG A 781 -21.13 7.58 -7.30
N LEU A 782 -21.36 7.41 -6.01
CA LEU A 782 -22.56 6.81 -5.43
C LEU A 782 -23.36 7.96 -4.82
N GLU A 783 -24.60 8.19 -5.28
CA GLU A 783 -25.57 9.18 -4.74
C GLU A 783 -26.60 8.41 -3.91
N THR A 784 -26.62 8.63 -2.60
CA THR A 784 -27.57 8.00 -1.67
C THR A 784 -28.37 9.11 -1.00
N HIS A 785 -29.21 8.73 -0.02
CA HIS A 785 -29.98 9.63 0.87
C HIS A 785 -29.46 9.41 2.28
N ILE A 786 -28.33 8.71 2.43
CA ILE A 786 -27.71 8.52 3.78
C ILE A 786 -27.36 9.92 4.29
N ASP A 787 -27.64 10.16 5.58
CA ASP A 787 -27.52 11.52 6.18
C ASP A 787 -26.12 11.62 6.79
N SER A 788 -25.10 11.54 5.93
CA SER A 788 -23.67 11.52 6.33
C SER A 788 -23.24 12.91 6.79
N GLY A 789 -23.73 13.93 6.08
CA GLY A 789 -23.41 15.35 6.30
C GLY A 789 -22.03 15.66 5.75
N ASP A 790 -21.09 15.94 6.65
CA ASP A 790 -19.69 16.30 6.28
C ASP A 790 -18.75 15.16 6.65
N ILE A 791 -19.27 14.06 7.23
CA ILE A 791 -18.47 12.93 7.78
C ILE A 791 -18.31 11.85 6.70
N PHE A 792 -17.11 11.29 6.60
CA PHE A 792 -16.84 10.07 5.81
C PHE A 792 -15.60 9.39 6.39
N TYR A 793 -15.37 8.15 5.98
CA TYR A 793 -14.30 7.27 6.51
C TYR A 793 -13.54 6.67 5.33
N THR A 794 -12.21 6.82 5.34
CA THR A 794 -11.27 6.21 4.36
C THR A 794 -10.29 5.37 5.20
N ASP A 795 -9.66 4.37 4.59
CA ASP A 795 -8.69 3.53 5.32
C ASP A 795 -7.28 4.09 5.08
N LEU A 796 -6.34 3.68 5.94
CA LEU A 796 -4.91 3.97 5.75
C LEU A 796 -4.24 2.61 5.58
N ASN A 797 -3.70 2.36 4.37
CA ASN A 797 -2.76 1.25 4.13
C ASN A 797 -3.51 -0.08 4.38
N GLY A 798 -4.83 -0.07 4.27
CA GLY A 798 -5.65 -1.29 4.44
C GLY A 798 -5.65 -1.79 5.87
N LEU A 799 -5.24 -0.96 6.84
CA LEU A 799 -5.03 -1.36 8.25
C LEU A 799 -6.12 -0.80 9.19
N GLN A 800 -6.57 0.43 8.96
CA GLN A 800 -7.47 1.17 9.91
C GLN A 800 -8.30 2.12 9.07
N PHE A 801 -9.47 2.52 9.59
CA PHE A 801 -10.35 3.51 8.93
C PHE A 801 -10.37 4.77 9.80
N ILE A 802 -10.15 5.89 9.14
CA ILE A 802 -9.95 7.20 9.81
C ILE A 802 -11.14 8.09 9.47
N LYS A 803 -11.71 8.76 10.48
CA LYS A 803 -12.80 9.75 10.29
CA LYS A 803 -12.80 9.73 10.25
C LYS A 803 -12.22 10.92 9.49
N ARG A 804 -12.87 11.26 8.36
CA ARG A 804 -12.65 12.47 7.54
C ARG A 804 -13.83 13.44 7.76
N ARG A 805 -13.56 14.74 7.89
CA ARG A 805 -14.60 15.81 7.77
C ARG A 805 -14.31 16.57 6.49
N ARG A 806 -15.27 16.60 5.56
CA ARG A 806 -15.22 17.49 4.38
C ARG A 806 -15.18 18.93 4.92
N LEU A 807 -14.30 19.79 4.38
CA LEU A 807 -14.12 21.21 4.82
C LEU A 807 -14.32 22.13 3.64
N ASP A 808 -15.43 22.88 3.65
CA ASP A 808 -15.81 23.81 2.55
C ASP A 808 -14.79 24.95 2.52
N LYS A 809 -14.09 25.19 3.62
CA LYS A 809 -13.01 26.22 3.69
C LYS A 809 -11.76 25.75 2.93
N LEU A 810 -11.65 24.47 2.55
CA LEU A 810 -10.55 23.98 1.68
C LEU A 810 -11.09 23.74 0.27
N PRO A 811 -10.23 23.80 -0.77
CA PRO A 811 -10.64 23.49 -2.13
C PRO A 811 -10.96 21.99 -2.30
N LEU A 812 -11.60 21.67 -3.41
CA LEU A 812 -12.15 20.32 -3.67
C LEU A 812 -11.02 19.27 -3.49
N GLN A 813 -9.87 19.52 -4.15
CA GLN A 813 -8.69 18.61 -4.18
C GLN A 813 -8.14 18.34 -2.77
N ALA A 814 -8.37 19.21 -1.78
CA ALA A 814 -7.95 18.98 -0.37
C ALA A 814 -8.91 18.01 0.33
N ASN A 815 -10.09 17.79 -0.23
CA ASN A 815 -11.11 16.90 0.41
C ASN A 815 -10.99 15.50 -0.19
N TYR A 816 -10.08 15.34 -1.16
CA TYR A 816 -9.67 14.01 -1.72
C TYR A 816 -8.63 13.37 -0.81
N TYR A 817 -8.83 12.09 -0.49
CA TYR A 817 -7.97 11.28 0.41
C TYR A 817 -7.58 9.98 -0.31
N PRO A 818 -6.49 9.32 0.14
CA PRO A 818 -6.19 7.99 -0.36
C PRO A 818 -7.37 7.04 -0.04
N ILE A 819 -7.75 6.19 -0.98
CA ILE A 819 -8.68 5.06 -0.74
C ILE A 819 -7.90 3.79 -1.05
N PRO A 820 -6.93 3.42 -0.19
CA PRO A 820 -6.14 2.23 -0.46
C PRO A 820 -6.92 0.92 -0.42
N SER A 821 -7.99 0.78 0.36
CA SER A 821 -8.81 -0.47 0.38
C SER A 821 -10.32 -0.24 0.59
N GLY A 822 -10.73 0.89 1.15
CA GLY A 822 -12.14 1.09 1.51
C GLY A 822 -12.52 2.52 1.89
N MET A 823 -13.81 2.81 1.77
CA MET A 823 -14.37 4.10 2.22
C MET A 823 -15.83 3.84 2.66
N PHE A 824 -16.36 4.66 3.56
CA PHE A 824 -17.79 4.50 3.95
C PHE A 824 -18.38 5.82 4.50
N ILE A 825 -19.69 5.91 4.29
CA ILE A 825 -20.57 6.97 4.85
C ILE A 825 -21.66 6.28 5.66
N GLU A 826 -22.21 7.00 6.65
CA GLU A 826 -23.28 6.46 7.51
C GLU A 826 -24.01 7.56 8.28
N ASP A 827 -25.28 7.30 8.60
CA ASP A 827 -26.08 8.07 9.58
C ASP A 827 -26.41 7.14 10.76
N ALA A 828 -27.45 7.46 11.52
CA ALA A 828 -27.92 6.69 12.69
C ALA A 828 -28.34 5.27 12.28
N ASN A 829 -28.83 5.06 11.06
CA ASN A 829 -29.49 3.77 10.67
C ASN A 829 -28.70 2.97 9.62
N THR A 830 -28.16 3.65 8.59
CA THR A 830 -27.65 3.09 7.31
C THR A 830 -26.14 3.40 7.15
N ARG A 831 -25.37 2.43 6.65
CA ARG A 831 -23.96 2.60 6.17
C ARG A 831 -23.86 2.02 4.76
N LEU A 832 -23.19 2.74 3.86
CA LEU A 832 -22.73 2.23 2.56
C LEU A 832 -21.20 2.21 2.60
N THR A 833 -20.60 1.05 2.35
CA THR A 833 -19.13 0.82 2.33
C THR A 833 -18.75 0.41 0.92
N LEU A 834 -17.76 1.06 0.33
CA LEU A 834 -17.16 0.62 -0.94
C LEU A 834 -15.75 0.10 -0.66
N LEU A 835 -15.53 -1.19 -0.93
CA LEU A 835 -14.20 -1.86 -0.84
C LEU A 835 -13.56 -1.90 -2.23
N THR A 836 -12.25 -1.69 -2.30
CA THR A 836 -11.48 -1.59 -3.58
CA THR A 836 -11.48 -1.60 -3.58
C THR A 836 -10.46 -2.74 -3.66
N GLY A 837 -10.19 -3.23 -4.86
CA GLY A 837 -9.10 -4.18 -5.12
C GLY A 837 -7.84 -3.43 -5.52
N GLN A 838 -7.82 -2.10 -5.39
CA GLN A 838 -6.73 -1.25 -5.91
C GLN A 838 -6.79 0.10 -5.22
N PRO A 839 -5.64 0.72 -4.87
CA PRO A 839 -5.65 2.04 -4.28
C PRO A 839 -6.06 3.10 -5.32
N LEU A 840 -7.03 3.94 -4.96
CA LEU A 840 -7.48 5.07 -5.83
C LEU A 840 -7.80 6.28 -4.95
N GLY A 841 -7.92 7.46 -5.54
CA GLY A 841 -8.26 8.66 -4.77
C GLY A 841 -9.76 8.81 -4.65
N GLY A 842 -10.25 9.37 -3.56
CA GLY A 842 -11.71 9.55 -3.41
C GLY A 842 -12.10 10.54 -2.34
N SER A 843 -13.41 10.81 -2.25
CA SER A 843 -14.00 11.74 -1.26
C SER A 843 -15.48 11.42 -1.06
N SER A 844 -16.09 12.07 -0.06
CA SER A 844 -17.55 12.32 0.04
C SER A 844 -17.75 13.83 -0.05
N LEU A 845 -18.00 14.36 -1.24
CA LEU A 845 -18.10 15.82 -1.46
C LEU A 845 -19.49 16.38 -1.05
N ALA A 846 -20.47 15.54 -0.75
CA ALA A 846 -21.80 15.96 -0.24
C ALA A 846 -22.42 14.85 0.60
N SER A 847 -23.32 15.21 1.52
CA SER A 847 -24.15 14.24 2.28
C SER A 847 -24.55 13.12 1.33
N GLY A 848 -24.39 11.87 1.78
CA GLY A 848 -24.78 10.61 1.11
C GLY A 848 -24.07 10.36 -0.23
N GLU A 849 -22.92 10.98 -0.48
CA GLU A 849 -22.11 10.63 -1.69
C GLU A 849 -20.87 9.85 -1.24
N LEU A 850 -20.44 8.88 -2.06
CA LEU A 850 -19.03 8.39 -2.11
C LEU A 850 -18.59 8.59 -3.55
N GLU A 851 -17.32 8.95 -3.75
CA GLU A 851 -16.73 9.01 -5.10
C GLU A 851 -15.26 8.55 -5.04
N ILE A 852 -14.82 7.92 -6.11
CA ILE A 852 -13.48 7.31 -6.26
C ILE A 852 -13.07 7.49 -7.71
N MET A 853 -11.86 8.00 -7.97
CA MET A 853 -11.35 8.26 -9.35
C MET A 853 -10.85 6.96 -9.99
N GLN A 854 -11.06 6.81 -11.32
CA GLN A 854 -10.86 5.56 -12.08
C GLN A 854 -9.55 5.65 -12.87
N ASP A 855 -9.34 6.76 -13.58
CA ASP A 855 -8.11 7.06 -14.35
C ASP A 855 -8.09 8.57 -14.61
N ARG A 856 -6.93 9.05 -15.05
CA ARG A 856 -6.58 10.48 -15.29
C ARG A 856 -5.55 10.50 -16.41
N ARG A 857 -5.79 11.35 -17.41
CA ARG A 857 -4.92 11.56 -18.58
C ARG A 857 -4.66 13.07 -18.61
N LEU A 858 -3.39 13.47 -18.56
CA LEU A 858 -3.02 14.87 -18.26
C LEU A 858 -1.92 15.29 -19.22
N ALA A 859 -2.19 16.28 -20.07
CA ALA A 859 -1.25 16.69 -21.14
C ALA A 859 -0.08 17.45 -20.50
N SER A 860 -0.29 18.06 -19.33
CA SER A 860 0.67 19.03 -18.71
C SER A 860 1.50 18.39 -17.57
N ASP A 861 2.73 18.89 -17.40
CA ASP A 861 3.60 18.67 -16.21
C ASP A 861 3.09 19.54 -15.06
N ASP A 862 3.20 19.09 -13.81
CA ASP A 862 2.66 19.85 -12.66
C ASP A 862 3.79 20.50 -11.84
N GLU A 863 4.97 20.60 -12.44
CA GLU A 863 6.16 21.35 -11.99
C GLU A 863 6.73 20.77 -10.69
N ARG A 864 6.69 19.45 -10.51
CA ARG A 864 7.30 18.78 -9.33
C ARG A 864 8.49 17.93 -9.79
N GLY A 865 9.04 18.20 -10.99
CA GLY A 865 10.30 17.60 -11.47
C GLY A 865 10.12 16.40 -12.39
N LEU A 866 8.94 15.81 -12.53
CA LEU A 866 8.79 14.64 -13.44
C LEU A 866 9.05 15.07 -14.91
N GLY A 867 8.67 16.28 -15.30
CA GLY A 867 8.90 16.83 -16.65
C GLY A 867 8.15 16.10 -17.76
N GLN A 868 6.97 15.55 -17.46
CA GLN A 868 6.03 14.94 -18.45
C GLN A 868 4.63 14.98 -17.80
N GLY A 869 3.60 14.87 -18.61
CA GLY A 869 2.23 14.65 -18.12
C GLY A 869 2.00 13.16 -17.89
N VAL A 870 0.75 12.76 -17.84
CA VAL A 870 0.34 11.34 -17.77
C VAL A 870 -0.43 11.02 -19.04
N LEU A 871 0.26 10.45 -20.03
CA LEU A 871 -0.29 10.17 -21.40
C LEU A 871 0.01 8.72 -21.77
N ASP A 872 0.23 7.84 -20.78
CA ASP A 872 0.61 6.42 -21.00
C ASP A 872 -0.48 5.52 -20.41
N ASN A 873 -1.71 6.01 -20.34
CA ASN A 873 -2.88 5.25 -19.82
C ASN A 873 -3.00 3.95 -20.60
N LYS A 874 -3.44 2.90 -19.91
CA LYS A 874 -3.76 1.59 -20.54
C LYS A 874 -5.00 1.05 -19.86
N PRO A 875 -5.80 0.22 -20.59
CA PRO A 875 -6.96 -0.42 -20.00
C PRO A 875 -6.62 -1.18 -18.71
N VAL A 876 -7.34 -0.88 -17.65
CA VAL A 876 -7.21 -1.54 -16.31
C VAL A 876 -8.61 -2.05 -15.94
N LEU A 877 -8.70 -3.23 -15.34
CA LEU A 877 -9.94 -3.74 -14.70
C LEU A 877 -9.91 -3.41 -13.19
N HIS A 878 -10.67 -2.44 -12.74
CA HIS A 878 -10.90 -2.10 -11.32
C HIS A 878 -11.98 -2.99 -10.73
N ILE A 879 -11.83 -3.41 -9.48
CA ILE A 879 -12.78 -4.32 -8.79
C ILE A 879 -13.15 -3.74 -7.43
N TYR A 880 -14.39 -3.99 -7.01
CA TYR A 880 -15.01 -3.36 -5.83
C TYR A 880 -16.04 -4.32 -5.22
N ARG A 881 -16.29 -4.21 -3.92
CA ARG A 881 -17.53 -4.77 -3.32
C ARG A 881 -18.34 -3.59 -2.77
N LEU A 882 -19.68 -3.67 -2.86
CA LEU A 882 -20.62 -2.57 -2.45
C LEU A 882 -21.56 -3.08 -1.38
N VAL A 883 -21.40 -2.59 -0.16
CA VAL A 883 -22.00 -3.17 1.08
C VAL A 883 -22.90 -2.10 1.72
N LEU A 884 -24.19 -2.14 1.37
CA LEU A 884 -25.28 -1.36 2.05
C LEU A 884 -25.75 -2.17 3.26
N GLU A 885 -25.71 -1.59 4.47
CA GLU A 885 -26.03 -2.29 5.74
C GLU A 885 -26.90 -1.39 6.63
N LYS A 886 -27.51 -2.00 7.66
CA LYS A 886 -28.26 -1.34 8.75
C LYS A 886 -27.39 -1.41 10.00
N VAL A 887 -27.14 -0.27 10.64
CA VAL A 887 -26.12 -0.16 11.73
C VAL A 887 -26.75 0.32 13.04
N ASN A 888 -28.04 0.71 13.01
CA ASN A 888 -28.85 1.14 14.18
C ASN A 888 -28.72 0.13 15.33
N ASN A 889 -28.45 -1.15 15.04
CA ASN A 889 -28.29 -2.18 16.10
C ASN A 889 -26.82 -2.51 16.35
N CYS A 890 -25.89 -1.69 15.85
CA CYS A 890 -24.41 -1.87 16.01
C CYS A 890 -23.88 -0.89 17.05
N VAL A 891 -22.95 -1.34 17.91
CA VAL A 891 -22.17 -0.50 18.84
C VAL A 891 -21.17 0.32 18.00
N ARG A 892 -21.52 1.57 17.68
CA ARG A 892 -20.62 2.48 16.92
C ARG A 892 -19.82 3.29 17.92
N PRO A 893 -18.59 3.73 17.60
CA PRO A 893 -17.79 4.47 18.58
C PRO A 893 -18.42 5.84 18.87
N SER A 894 -18.04 6.46 20.00
CA SER A 894 -18.40 7.87 20.36
C SER A 894 -18.33 8.76 19.11
N GLU A 895 -19.23 9.75 19.00
CA GLU A 895 -19.23 10.83 17.97
C GLU A 895 -17.90 11.61 17.99
N LEU A 896 -17.10 11.48 19.08
CA LEU A 896 -15.77 12.11 19.29
C LEU A 896 -14.63 11.22 18.78
N HIS A 897 -14.86 9.91 18.60
CA HIS A 897 -13.78 8.96 18.29
C HIS A 897 -13.25 9.30 16.90
N PRO A 898 -11.91 9.35 16.69
CA PRO A 898 -11.38 9.66 15.36
C PRO A 898 -11.41 8.47 14.37
N ALA A 899 -11.83 7.28 14.83
CA ALA A 899 -11.72 6.01 14.06
C ALA A 899 -13.12 5.51 13.68
N GLY A 900 -13.15 4.67 12.64
CA GLY A 900 -14.29 3.85 12.22
C GLY A 900 -13.86 2.39 12.16
N TYR A 901 -14.82 1.47 12.13
CA TYR A 901 -14.53 0.02 12.04
C TYR A 901 -15.50 -0.62 11.07
N LEU A 902 -15.02 -1.60 10.30
CA LEU A 902 -15.91 -2.29 9.35
C LEU A 902 -16.78 -3.24 10.16
N THR A 903 -17.90 -3.62 9.58
CA THR A 903 -18.69 -4.80 9.96
C THR A 903 -17.99 -6.05 9.43
N SER A 904 -18.33 -7.22 9.98
CA SER A 904 -17.95 -8.56 9.48
C SER A 904 -18.15 -8.65 7.96
N ALA A 905 -19.31 -8.24 7.43
CA ALA A 905 -19.64 -8.35 5.98
C ALA A 905 -18.68 -7.52 5.11
N ALA A 906 -18.35 -6.30 5.56
CA ALA A 906 -17.50 -5.35 4.78
C ALA A 906 -16.07 -5.87 4.81
N HIS A 907 -15.65 -6.37 5.97
CA HIS A 907 -14.32 -6.97 6.22
C HIS A 907 -14.15 -8.22 5.34
N LYS A 908 -15.15 -9.12 5.31
CA LYS A 908 -15.06 -10.35 4.47
C LYS A 908 -15.04 -9.94 3.00
N ALA A 909 -15.81 -8.94 2.62
CA ALA A 909 -15.85 -8.40 1.25
C ALA A 909 -14.46 -7.91 0.80
N SER A 910 -13.77 -7.18 1.67
CA SER A 910 -12.39 -6.68 1.42
C SER A 910 -11.48 -7.90 1.23
N GLN A 911 -11.63 -8.91 2.08
CA GLN A 911 -10.80 -10.15 2.02
C GLN A 911 -11.04 -10.84 0.68
N SER A 912 -12.29 -10.89 0.21
N SER A 912 -12.27 -10.85 0.17
CA SER A 912 -12.67 -11.45 -1.12
CA SER A 912 -12.61 -11.49 -1.13
C SER A 912 -11.90 -10.71 -2.21
C SER A 912 -12.07 -10.66 -2.30
N LEU A 913 -11.74 -9.38 -2.10
CA LEU A 913 -11.06 -8.58 -3.15
C LEU A 913 -9.55 -8.80 -3.09
N LEU A 914 -8.95 -8.77 -1.90
CA LEU A 914 -7.46 -8.73 -1.76
C LEU A 914 -6.85 -10.13 -1.72
N ASP A 915 -7.51 -11.11 -1.10
CA ASP A 915 -6.98 -12.48 -0.90
C ASP A 915 -8.04 -13.49 -1.31
N PRO A 916 -8.41 -13.52 -2.61
CA PRO A 916 -9.37 -14.51 -3.08
C PRO A 916 -8.75 -15.92 -3.09
N LEU A 917 -9.59 -16.91 -3.35
CA LEU A 917 -9.13 -18.29 -3.62
C LEU A 917 -8.24 -18.25 -4.86
N ASP A 918 -7.13 -18.98 -4.82
CA ASP A 918 -6.24 -19.20 -5.99
C ASP A 918 -6.74 -20.44 -6.76
N LYS A 919 -6.64 -20.41 -8.08
CA LYS A 919 -7.14 -21.51 -8.96
C LYS A 919 -5.98 -22.10 -9.74
N PHE A 920 -5.90 -23.43 -9.71
CA PHE A 920 -4.86 -24.22 -10.39
C PHE A 920 -5.55 -25.26 -11.26
N ILE A 921 -5.12 -25.34 -12.51
CA ILE A 921 -5.57 -26.36 -13.50
C ILE A 921 -4.44 -27.35 -13.70
N PHE A 922 -4.65 -28.64 -13.47
CA PHE A 922 -3.61 -29.68 -13.67
C PHE A 922 -3.23 -29.73 -15.16
N ALA A 923 -1.94 -29.72 -15.47
CA ALA A 923 -1.43 -29.57 -16.85
C ALA A 923 -1.63 -30.89 -17.61
N GLU A 924 -1.34 -32.03 -16.96
CA GLU A 924 -1.27 -33.35 -17.64
C GLU A 924 -2.64 -34.00 -17.65
N ASN A 925 -2.76 -35.10 -18.41
CA ASN A 925 -4.00 -35.89 -18.56
C ASN A 925 -4.29 -36.65 -17.28
N GLU A 926 -3.27 -37.14 -16.59
CA GLU A 926 -3.45 -38.08 -15.46
C GLU A 926 -2.67 -37.58 -14.23
N TRP A 927 -3.25 -37.75 -13.05
CA TRP A 927 -2.64 -37.31 -11.78
C TRP A 927 -2.66 -38.49 -10.81
N ILE A 928 -1.69 -39.39 -10.94
CA ILE A 928 -1.58 -40.52 -9.97
C ILE A 928 -1.07 -39.92 -8.67
N GLY A 929 -1.74 -40.28 -7.57
CA GLY A 929 -1.41 -39.85 -6.20
C GLY A 929 -2.34 -38.78 -5.67
N ALA A 930 -3.23 -38.25 -6.51
CA ALA A 930 -4.02 -37.02 -6.24
C ALA A 930 -4.76 -37.22 -4.92
N GLN A 931 -4.74 -36.21 -4.05
CA GLN A 931 -5.54 -36.19 -2.81
C GLN A 931 -6.57 -35.09 -2.95
N GLY A 932 -7.64 -35.19 -2.19
CA GLY A 932 -8.79 -34.27 -2.32
C GLY A 932 -8.58 -32.97 -1.58
N GLN A 933 -7.73 -32.97 -0.56
CA GLN A 933 -7.77 -31.91 0.45
C GLN A 933 -6.41 -31.81 1.14
N PHE A 934 -6.03 -30.58 1.47
CA PHE A 934 -4.97 -30.25 2.44
C PHE A 934 -5.52 -29.26 3.47
N GLY A 935 -5.12 -29.42 4.73
CA GLY A 935 -5.39 -28.46 5.81
C GLY A 935 -6.78 -28.67 6.41
N GLY A 936 -7.40 -29.83 6.16
CA GLY A 936 -8.70 -30.18 6.77
C GLY A 936 -8.65 -30.10 8.30
N ASP A 937 -7.49 -30.34 8.89
CA ASP A 937 -7.26 -30.35 10.35
C ASP A 937 -6.79 -28.97 10.86
N HIS A 938 -6.57 -27.98 9.98
CA HIS A 938 -6.16 -26.60 10.36
C HIS A 938 -7.28 -25.90 11.15
N PRO A 939 -6.93 -25.23 12.27
CA PRO A 939 -7.89 -24.44 13.02
C PRO A 939 -8.55 -23.34 12.19
N SER A 940 -9.87 -23.18 12.33
CA SER A 940 -10.67 -22.15 11.64
C SER A 940 -10.82 -20.98 12.60
N ALA A 941 -9.88 -20.03 12.53
CA ALA A 941 -9.70 -18.92 13.50
C ALA A 941 -10.85 -17.94 13.36
N ARG A 942 -11.10 -17.14 14.42
N ARG A 942 -11.13 -17.16 14.42
CA ARG A 942 -12.13 -16.08 14.48
CA ARG A 942 -12.23 -16.15 14.41
C ARG A 942 -11.98 -15.18 13.25
C ARG A 942 -12.00 -15.22 13.22
N GLU A 943 -13.09 -14.72 12.67
CA GLU A 943 -13.14 -13.98 11.39
C GLU A 943 -12.23 -12.73 11.42
N ASP A 944 -11.92 -12.21 12.60
CA ASP A 944 -11.26 -10.89 12.73
C ASP A 944 -9.76 -11.09 12.80
N LEU A 945 -9.30 -12.35 12.78
CA LEU A 945 -7.87 -12.73 12.85
C LEU A 945 -7.40 -13.16 11.45
N ASP A 946 -6.18 -12.74 11.07
CA ASP A 946 -5.55 -13.15 9.80
C ASP A 946 -4.10 -13.56 10.10
N VAL A 947 -3.65 -14.62 9.44
CA VAL A 947 -2.21 -14.95 9.25
C VAL A 947 -1.76 -14.19 8.00
N SER A 948 -1.36 -12.94 8.23
CA SER A 948 -0.93 -11.97 7.21
C SER A 948 0.25 -12.55 6.47
N VAL A 949 1.17 -13.13 7.23
CA VAL A 949 2.42 -13.71 6.70
C VAL A 949 2.61 -15.10 7.30
N MET A 950 2.88 -16.08 6.44
CA MET A 950 3.58 -17.32 6.81
C MET A 950 4.79 -17.45 5.91
N ARG A 951 5.97 -17.55 6.51
CA ARG A 951 7.26 -17.57 5.78
C ARG A 951 8.25 -18.50 6.49
N ARG A 952 8.73 -19.52 5.80
CA ARG A 952 9.83 -20.34 6.34
C ARG A 952 11.11 -19.50 6.26
N LEU A 953 11.82 -19.41 7.39
CA LEU A 953 12.98 -18.50 7.60
C LEU A 953 14.29 -19.23 7.35
N THR A 954 14.27 -20.57 7.28
CA THR A 954 15.48 -21.40 7.12
C THR A 954 15.45 -22.19 5.82
N LYS A 955 16.61 -22.40 5.22
CA LYS A 955 16.81 -23.29 4.08
C LYS A 955 16.95 -24.73 4.60
N SER A 956 17.08 -25.71 3.70
CA SER A 956 17.17 -27.15 4.02
C SER A 956 18.44 -27.45 4.82
N SER A 957 19.55 -26.75 4.54
CA SER A 957 20.89 -26.99 5.16
C SER A 957 20.90 -26.59 6.65
N ALA A 958 19.80 -26.07 7.21
CA ALA A 958 19.68 -25.70 8.64
C ALA A 958 19.21 -26.91 9.45
N LYS A 959 19.93 -27.18 10.55
CA LYS A 959 19.65 -28.31 11.47
C LYS A 959 18.24 -28.13 12.04
N THR A 960 17.90 -26.92 12.52
CA THR A 960 16.58 -26.58 13.09
C THR A 960 15.81 -25.69 12.11
N GLN A 961 14.61 -26.12 11.71
CA GLN A 961 13.74 -25.34 10.79
C GLN A 961 12.99 -24.29 11.61
N ARG A 962 12.87 -23.08 11.07
CA ARG A 962 12.12 -21.99 11.73
C ARG A 962 11.13 -21.39 10.72
N VAL A 963 9.94 -21.11 11.21
CA VAL A 963 8.88 -20.49 10.38
C VAL A 963 8.37 -19.25 11.11
N GLY A 964 8.31 -18.14 10.39
CA GLY A 964 7.74 -16.89 10.93
C GLY A 964 6.31 -16.70 10.50
N TYR A 965 5.49 -16.19 11.42
CA TYR A 965 4.08 -15.84 11.24
C TYR A 965 3.90 -14.38 11.65
N VAL A 966 3.17 -13.60 10.85
CA VAL A 966 2.59 -12.33 11.30
C VAL A 966 1.08 -12.53 11.41
N LEU A 967 0.53 -12.30 12.60
N LEU A 967 0.55 -12.25 12.59
CA LEU A 967 -0.92 -12.39 12.91
CA LEU A 967 -0.89 -12.35 12.95
C LEU A 967 -1.45 -10.98 13.12
C LEU A 967 -1.45 -10.95 13.12
N HIS A 968 -2.52 -10.64 12.41
CA HIS A 968 -3.19 -9.34 12.55
C HIS A 968 -4.60 -9.61 12.99
N ARG A 969 -5.03 -8.95 14.07
N ARG A 969 -5.04 -8.99 14.09
CA ARG A 969 -6.45 -8.94 14.47
CA ARG A 969 -6.47 -8.97 14.44
C ARG A 969 -7.00 -7.53 14.24
C ARG A 969 -6.99 -7.55 14.24
N THR A 970 -7.99 -7.41 13.37
CA THR A 970 -8.69 -6.14 13.11
C THR A 970 -9.71 -5.95 14.22
N ASN A 971 -10.50 -4.89 14.12
CA ASN A 971 -11.62 -4.69 15.06
C ASN A 971 -12.88 -4.51 14.23
N LEU A 972 -13.84 -5.41 14.42
CA LEU A 972 -15.14 -5.34 13.70
C LEU A 972 -16.19 -4.77 14.67
N MET A 973 -17.11 -4.02 14.11
CA MET A 973 -18.32 -3.49 14.77
C MET A 973 -19.20 -4.66 15.24
N GLN A 974 -19.51 -4.70 16.55
CA GLN A 974 -20.49 -5.64 17.17
C GLN A 974 -21.88 -5.24 16.71
N CYS A 975 -22.64 -6.16 16.11
CA CYS A 975 -24.02 -5.89 15.64
C CYS A 975 -24.99 -7.02 16.02
N GLY A 976 -24.53 -8.09 16.68
CA GLY A 976 -25.26 -9.36 16.89
C GLY A 976 -25.29 -10.23 15.63
N THR A 982 -15.59 -21.70 15.92
CA THR A 982 -14.18 -21.31 15.62
C THR A 982 -13.22 -21.87 16.69
N GLN A 983 -12.10 -22.46 16.25
CA GLN A 983 -11.03 -23.00 17.12
C GLN A 983 -10.00 -21.89 17.41
N LYS A 984 -9.18 -22.13 18.44
CA LYS A 984 -8.00 -21.32 18.83
C LYS A 984 -6.91 -21.55 17.80
N LEU A 985 -6.35 -20.50 17.20
CA LEU A 985 -5.18 -20.66 16.31
C LEU A 985 -3.90 -20.42 17.10
N ASP A 986 -3.08 -21.45 17.23
CA ASP A 986 -1.72 -21.39 17.83
C ASP A 986 -0.72 -21.72 16.71
N VAL A 987 -0.11 -20.69 16.09
CA VAL A 987 0.74 -20.87 14.88
C VAL A 987 2.02 -21.62 15.27
N CYS A 988 2.35 -21.59 16.57
CA CYS A 988 3.53 -22.29 17.12
C CYS A 988 3.38 -23.80 16.81
N HIS A 989 2.15 -24.33 16.81
CA HIS A 989 1.81 -25.77 16.64
C HIS A 989 1.18 -26.08 15.26
N LEU A 990 1.21 -25.14 14.30
CA LEU A 990 0.72 -25.39 12.92
C LEU A 990 1.61 -26.43 12.23
N LEU A 991 2.93 -26.39 12.41
CA LEU A 991 3.84 -27.43 11.91
C LEU A 991 4.25 -28.34 13.06
N PRO A 992 4.54 -29.64 12.80
CA PRO A 992 4.80 -30.60 13.87
C PRO A 992 6.19 -30.41 14.49
N ASN A 993 6.41 -30.96 15.67
CA ASN A 993 7.77 -31.11 16.25
C ASN A 993 8.28 -29.73 16.68
N VAL A 994 7.39 -28.85 17.14
CA VAL A 994 7.78 -27.52 17.68
C VAL A 994 8.70 -27.74 18.90
N ALA A 995 9.94 -27.26 18.82
CA ALA A 995 10.95 -27.30 19.91
C ALA A 995 11.06 -25.94 20.62
N ARG A 996 10.44 -24.89 20.08
CA ARG A 996 10.63 -23.50 20.58
C ARG A 996 9.72 -22.54 19.82
N CYS A 997 9.16 -21.57 20.54
CA CYS A 997 8.36 -20.47 19.99
C CYS A 997 8.72 -19.16 20.69
N GLU A 998 8.87 -18.10 19.87
CA GLU A 998 9.23 -16.72 20.27
C GLU A 998 8.19 -15.75 19.72
N ARG A 999 7.74 -14.79 20.53
CA ARG A 999 7.12 -13.55 20.00
C ARG A 999 8.28 -12.66 19.58
N THR A 1000 8.21 -12.14 18.36
CA THR A 1000 9.30 -11.37 17.71
C THR A 1000 8.74 -10.02 17.24
N THR A 1001 9.67 -9.13 16.92
CA THR A 1001 9.37 -7.94 16.08
C THR A 1001 8.74 -8.42 14.75
N LEU A 1002 8.03 -7.55 14.06
CA LEU A 1002 7.27 -7.92 12.84
C LEU A 1002 8.21 -8.36 11.71
N THR A 1003 9.49 -8.02 11.79
CA THR A 1003 10.55 -8.31 10.79
C THR A 1003 11.18 -9.69 11.11
N PHE A 1004 10.78 -10.30 12.22
CA PHE A 1004 11.28 -11.60 12.74
C PHE A 1004 12.71 -11.49 13.26
N LEU A 1005 13.28 -10.28 13.41
CA LEU A 1005 14.76 -10.14 13.56
C LEU A 1005 15.17 -10.13 15.04
N GLN A 1006 14.25 -9.92 15.96
CA GLN A 1006 14.59 -9.90 17.42
C GLN A 1006 13.46 -10.56 18.21
N ASN A 1007 13.82 -11.27 19.29
CA ASN A 1007 12.86 -11.91 20.22
C ASN A 1007 12.39 -10.87 21.23
N LEU A 1008 11.08 -10.85 21.50
CA LEU A 1008 10.47 -9.94 22.51
C LEU A 1008 9.98 -10.77 23.71
N GLU A 1009 9.74 -12.07 23.57
CA GLU A 1009 9.10 -12.89 24.64
C GLU A 1009 9.33 -14.36 24.30
N HIS A 1010 10.14 -15.06 25.09
CA HIS A 1010 10.23 -16.53 25.08
C HIS A 1010 8.88 -17.11 25.52
N LEU A 1011 8.26 -18.03 24.75
CA LEU A 1011 6.95 -18.60 25.15
C LEU A 1011 7.21 -19.99 25.76
N ASP A 1012 7.19 -20.09 27.09
CA ASP A 1012 7.58 -21.37 27.78
C ASP A 1012 6.67 -22.49 27.26
N GLY A 1013 5.35 -22.28 27.27
CA GLY A 1013 4.33 -23.27 26.82
C GLY A 1013 4.33 -23.49 25.32
N MET A 1014 5.26 -22.89 24.56
CA MET A 1014 5.34 -22.89 23.06
C MET A 1014 3.95 -22.75 22.44
N VAL A 1015 3.08 -21.97 23.10
CA VAL A 1015 1.71 -21.61 22.65
C VAL A 1015 1.70 -20.09 22.46
N ALA A 1016 1.31 -19.61 21.26
CA ALA A 1016 1.18 -18.17 20.97
C ALA A 1016 -0.04 -17.62 21.71
N PRO A 1017 0.13 -16.61 22.61
CA PRO A 1017 -1.01 -15.94 23.21
C PRO A 1017 -1.78 -15.26 22.07
N GLU A 1018 -3.11 -15.14 22.16
CA GLU A 1018 -3.85 -14.57 21.01
C GLU A 1018 -3.74 -13.05 21.13
N VAL A 1019 -4.03 -12.33 20.05
CA VAL A 1019 -3.66 -10.90 19.89
C VAL A 1019 -4.93 -10.07 20.04
N CYS A 1020 -4.78 -8.83 20.49
CA CYS A 1020 -5.91 -7.94 20.83
C CYS A 1020 -6.46 -7.33 19.54
N PRO A 1021 -7.71 -6.83 19.55
CA PRO A 1021 -8.25 -6.10 18.40
C PRO A 1021 -7.32 -4.92 18.05
N MET A 1022 -7.04 -4.76 16.75
CA MET A 1022 -6.14 -3.74 16.15
C MET A 1022 -4.68 -3.94 16.53
N GLU A 1023 -4.30 -5.15 16.95
CA GLU A 1023 -2.89 -5.52 17.25
C GLU A 1023 -2.35 -6.39 16.10
N THR A 1024 -1.05 -6.31 15.87
CA THR A 1024 -0.31 -7.14 14.92
C THR A 1024 0.88 -7.68 15.71
N ALA A 1025 1.07 -9.00 15.73
CA ALA A 1025 2.18 -9.64 16.45
C ALA A 1025 2.84 -10.64 15.51
N ALA A 1026 4.11 -10.94 15.75
CA ALA A 1026 4.86 -11.94 15.00
C ALA A 1026 5.37 -13.00 15.97
N TYR A 1027 5.42 -14.22 15.46
CA TYR A 1027 5.97 -15.41 16.14
C TYR A 1027 6.88 -16.15 15.20
N VAL A 1028 7.96 -16.70 15.75
CA VAL A 1028 8.84 -17.64 15.05
C VAL A 1028 8.84 -18.97 15.82
N SER A 1029 8.38 -20.05 15.16
CA SER A 1029 8.31 -21.43 15.69
C SER A 1029 9.53 -22.21 15.16
N SER A 1030 10.25 -22.91 16.04
CA SER A 1030 11.38 -23.82 15.71
C SER A 1030 10.88 -25.27 15.75
N HIS A 1031 11.45 -26.14 14.91
CA HIS A 1031 11.01 -27.56 14.71
C HIS A 1031 12.25 -28.47 14.59
N SER A 1032 12.27 -29.60 15.30
CA SER A 1032 13.50 -30.41 15.55
C SER A 1032 13.84 -31.32 14.35
#